data_7Z81
# 
_entry.id   7Z81 
# 
_audit_conform.dict_name       mmcif_pdbx.dic 
_audit_conform.dict_version    5.385 
_audit_conform.dict_location   http://mmcif.pdb.org/dictionaries/ascii/mmcif_pdbx.dic 
# 
loop_
_database_2.database_id 
_database_2.database_code 
_database_2.pdbx_database_accession 
_database_2.pdbx_DOI 
PDB   7Z81         pdb_00007z81 10.2210/pdb7z81/pdb 
WWPDB D_1292120581 ?            ?                   
# 
loop_
_pdbx_audit_revision_history.ordinal 
_pdbx_audit_revision_history.data_content_type 
_pdbx_audit_revision_history.major_revision 
_pdbx_audit_revision_history.minor_revision 
_pdbx_audit_revision_history.revision_date 
1 'Structure model' 1 0 2023-03-29 
2 'Structure model' 1 1 2023-10-11 
3 'Structure model' 1 2 2024-02-07 
# 
_pdbx_audit_revision_details.ordinal             1 
_pdbx_audit_revision_details.revision_ordinal    1 
_pdbx_audit_revision_details.data_content_type   'Structure model' 
_pdbx_audit_revision_details.provider            repository 
_pdbx_audit_revision_details.type                'Initial release' 
_pdbx_audit_revision_details.description         ? 
_pdbx_audit_revision_details.details             ? 
# 
loop_
_pdbx_audit_revision_group.ordinal 
_pdbx_audit_revision_group.revision_ordinal 
_pdbx_audit_revision_group.data_content_type 
_pdbx_audit_revision_group.group 
1 2 'Structure model' 'Data collection'        
2 2 'Structure model' 'Database references'    
3 3 'Structure model' 'Refinement description' 
# 
loop_
_pdbx_audit_revision_category.ordinal 
_pdbx_audit_revision_category.revision_ordinal 
_pdbx_audit_revision_category.data_content_type 
_pdbx_audit_revision_category.category 
1 2 'Structure model' chem_comp_atom                
2 2 'Structure model' chem_comp_bond                
3 2 'Structure model' citation                      
4 2 'Structure model' citation_author               
5 3 'Structure model' pdbx_initial_refinement_model 
# 
loop_
_pdbx_audit_revision_item.ordinal 
_pdbx_audit_revision_item.revision_ordinal 
_pdbx_audit_revision_item.data_content_type 
_pdbx_audit_revision_item.item 
1  2 'Structure model' '_citation.journal_abbrev'          
2  2 'Structure model' '_citation.journal_id_CSD'          
3  2 'Structure model' '_citation.journal_id_ISSN'         
4  2 'Structure model' '_citation.journal_volume'          
5  2 'Structure model' '_citation.page_first'              
6  2 'Structure model' '_citation.page_last'               
7  2 'Structure model' '_citation.pdbx_database_id_DOI'    
8  2 'Structure model' '_citation.pdbx_database_id_PubMed' 
9  2 'Structure model' '_citation.title'                   
10 2 'Structure model' '_citation.year'                    
# 
_pdbx_database_status.status_code                     REL 
_pdbx_database_status.status_code_sf                  REL 
_pdbx_database_status.status_code_mr                  ? 
_pdbx_database_status.entry_id                        7Z81 
_pdbx_database_status.recvd_initial_deposition_date   2022-03-16 
_pdbx_database_status.SG_entry                        N 
_pdbx_database_status.deposit_site                    PDBE 
_pdbx_database_status.process_site                    PDBE 
_pdbx_database_status.status_code_cs                  ? 
_pdbx_database_status.status_code_nmr_data            ? 
_pdbx_database_status.methods_development_category    ? 
_pdbx_database_status.pdb_format_compatible           Y 
# 
_pdbx_database_related.db_name        PDB 
_pdbx_database_related.details        . 
_pdbx_database_related.db_id          6ROS 
_pdbx_database_related.content_type   unspecified 
# 
_pdbx_contact_author.id                 2 
_pdbx_contact_author.email              bohdan@ibt.cas.cz 
_pdbx_contact_author.name_first         Bohdan 
_pdbx_contact_author.name_last          Schneider 
_pdbx_contact_author.name_mi            ? 
_pdbx_contact_author.role               'principal investigator/group leader' 
_pdbx_contact_author.identifier_ORCID   0000-0001-7855-3690 
# 
loop_
_audit_author.name 
_audit_author.pdbx_ordinal 
_audit_author.identifier_ORCID 
'Svoboda, J.'   1 0000-0003-3056-2357 
'Schneider, B.' 2 0000-0001-7855-3690 
'Berdar, D.'    3 ?                   
'Kolenko, P.'   4 0000-0002-4619-9276 
# 
_citation.abstract                  ? 
_citation.abstract_id_CAS           ? 
_citation.book_id_ISBN              ? 
_citation.book_publisher            ? 
_citation.book_publisher_city       ? 
_citation.book_title                ? 
_citation.coordinate_linkage        ? 
_citation.country                   ? 
_citation.database_id_Medline       ? 
_citation.details                   ? 
_citation.id                        primary 
_citation.journal_abbrev            'Acta Crystallogr D Struct Biol' 
_citation.journal_id_ASTM           ? 
_citation.journal_id_CSD            ? 
_citation.journal_id_ISSN           2059-7983 
_citation.journal_full              ? 
_citation.journal_issue             ? 
_citation.journal_volume            79 
_citation.language                  ? 
_citation.page_first                655 
_citation.page_last                 665 
_citation.title                     'Conformation-based refinement of 18-mer DNA structures.' 
_citation.year                      2023 
_citation.database_id_CSD           ? 
_citation.pdbx_database_id_DOI      10.1107/S2059798323004679 
_citation.pdbx_database_id_PubMed   37338420 
_citation.pdbx_database_id_patent   ? 
_citation.unpublished_flag          ? 
# 
loop_
_citation_author.citation_id 
_citation_author.name 
_citation_author.ordinal 
_citation_author.identifier_ORCID 
primary 'Svoboda, J.'   1 0000-0003-3056-2357 
primary 'Berdar, D.'    2 ?                   
primary 'Kolenko, P.'   3 0000-0002-4619-9276 
primary 'Cerny, J.'     4 0000-0002-1969-9304 
primary 'Novakova, Z.'  5 0000-0001-9804-6346 
primary 'Pavlicek, J.'  6 ?                   
primary 'Schneider, B.' 7 0000-0001-7855-3690 
# 
loop_
_entity.id 
_entity.type 
_entity.src_method 
_entity.pdbx_description 
_entity.formula_weight 
_entity.pdbx_number_of_molecules 
_entity.pdbx_ec 
_entity.pdbx_mutation 
_entity.pdbx_fragment 
_entity.details 
1 polymer     syn 'Chom18-TC DNA' 5494.529 1 ? ? ? ? 
2 non-polymer syn 'STRONTIUM ION' 87.620   1 ? ? ? ? 
# 
_entity_poly.entity_id                      1 
_entity_poly.type                           polydeoxyribonucleotide 
_entity_poly.nstd_linkage                   no 
_entity_poly.nstd_monomer                   no 
_entity_poly.pdbx_seq_one_letter_code       '(DG)(DG)(DT)(DG)(DG)(DG)(DG)(DC)(DT)(DC)(DG)(DC)(DC)(DC)(DC)(DA)(DC)(DC)' 
_entity_poly.pdbx_seq_one_letter_code_can   GGTGGGGCTCGCCCCACC 
_entity_poly.pdbx_strand_id                 A 
_entity_poly.pdbx_target_identifier         ? 
# 
_pdbx_entity_nonpoly.entity_id   2 
_pdbx_entity_nonpoly.name        'STRONTIUM ION' 
_pdbx_entity_nonpoly.comp_id     SR 
# 
loop_
_entity_poly_seq.entity_id 
_entity_poly_seq.num 
_entity_poly_seq.mon_id 
_entity_poly_seq.hetero 
1 1  DG n 
1 2  DG n 
1 3  DT n 
1 4  DG n 
1 5  DG n 
1 6  DG n 
1 7  DG n 
1 8  DC n 
1 9  DT n 
1 10 DC n 
1 11 DG n 
1 12 DC n 
1 13 DC n 
1 14 DC n 
1 15 DC n 
1 16 DA n 
1 17 DC n 
1 18 DC n 
# 
_pdbx_entity_src_syn.entity_id              1 
_pdbx_entity_src_syn.pdbx_src_id            1 
_pdbx_entity_src_syn.pdbx_alt_source_flag   sample 
_pdbx_entity_src_syn.pdbx_beg_seq_num       1 
_pdbx_entity_src_syn.pdbx_end_seq_num       18 
_pdbx_entity_src_syn.organism_scientific    'Cardiobacterium hominis' 
_pdbx_entity_src_syn.organism_common_name   ? 
_pdbx_entity_src_syn.ncbi_taxonomy_id       2718 
_pdbx_entity_src_syn.details                ? 
# 
loop_
_chem_comp.id 
_chem_comp.type 
_chem_comp.mon_nstd_flag 
_chem_comp.name 
_chem_comp.pdbx_synonyms 
_chem_comp.formula 
_chem_comp.formula_weight 
DA 'DNA linking' y "2'-DEOXYADENOSINE-5'-MONOPHOSPHATE" ? 'C10 H14 N5 O6 P' 331.222 
DC 'DNA linking' y "2'-DEOXYCYTIDINE-5'-MONOPHOSPHATE"  ? 'C9 H14 N3 O7 P'  307.197 
DG 'DNA linking' y "2'-DEOXYGUANOSINE-5'-MONOPHOSPHATE" ? 'C10 H14 N5 O7 P' 347.221 
DT 'DNA linking' y "THYMIDINE-5'-MONOPHOSPHATE"         ? 'C10 H15 N2 O8 P' 322.208 
SR non-polymer   . 'STRONTIUM ION'                      ? 'Sr 2'            87.620  
# 
loop_
_pdbx_poly_seq_scheme.asym_id 
_pdbx_poly_seq_scheme.entity_id 
_pdbx_poly_seq_scheme.seq_id 
_pdbx_poly_seq_scheme.mon_id 
_pdbx_poly_seq_scheme.ndb_seq_num 
_pdbx_poly_seq_scheme.pdb_seq_num 
_pdbx_poly_seq_scheme.auth_seq_num 
_pdbx_poly_seq_scheme.pdb_mon_id 
_pdbx_poly_seq_scheme.auth_mon_id 
_pdbx_poly_seq_scheme.pdb_strand_id 
_pdbx_poly_seq_scheme.pdb_ins_code 
_pdbx_poly_seq_scheme.hetero 
A 1 1  DG 1  1  1  DG DG A . n 
A 1 2  DG 2  2  2  DG DG A . n 
A 1 3  DT 3  3  3  DT DT A . n 
A 1 4  DG 4  4  4  DG DG A . n 
A 1 5  DG 5  5  5  DG DG A . n 
A 1 6  DG 6  6  6  DG DG A . n 
A 1 7  DG 7  7  7  DG DG A . n 
A 1 8  DC 8  8  8  DC DC A . n 
A 1 9  DT 9  9  9  DT DT A . n 
A 1 10 DC 10 10 10 DC DC A . n 
A 1 11 DG 11 11 11 DG DG A . n 
A 1 12 DC 12 12 12 DC DC A . n 
A 1 13 DC 13 13 13 DC DC A . n 
A 1 14 DC 14 14 14 DC DC A . n 
A 1 15 DC 15 15 15 DC DC A . n 
A 1 16 DA 16 16 16 DA DA A . n 
A 1 17 DC 17 17 17 DC DC A . n 
A 1 18 DC 18 18 18 DC DC A . n 
# 
_pdbx_nonpoly_scheme.asym_id         B 
_pdbx_nonpoly_scheme.entity_id       2 
_pdbx_nonpoly_scheme.mon_id          SR 
_pdbx_nonpoly_scheme.ndb_seq_num     1 
_pdbx_nonpoly_scheme.pdb_seq_num     101 
_pdbx_nonpoly_scheme.auth_seq_num    102 
_pdbx_nonpoly_scheme.pdb_mon_id      SR 
_pdbx_nonpoly_scheme.auth_mon_id     SR 
_pdbx_nonpoly_scheme.pdb_strand_id   A 
_pdbx_nonpoly_scheme.pdb_ins_code    . 
# 
loop_
_software.citation_id 
_software.classification 
_software.compiler_name 
_software.compiler_version 
_software.contact_author 
_software.contact_author_email 
_software.date 
_software.description 
_software.dependencies 
_software.hardware 
_software.language 
_software.location 
_software.mods 
_software.name 
_software.os 
_software.os_version 
_software.type 
_software.version 
_software.pdbx_ordinal 
? refinement       ? ? ? ? ? ? ? ? ? ? ? PHENIX  ? ? ? 1.19.2_4158 1 
? 'data reduction' ? ? ? ? ? ? ? ? ? ? ? XDS     ? ? ? .           2 
? 'data scaling'   ? ? ? ? ? ? ? ? ? ? ? Aimless ? ? ? .           3 
? phasing          ? ? ? ? ? ? ? ? ? ? ? PHASER  ? ? ? .           4 
# 
_cell.angle_alpha                  90.000 
_cell.angle_alpha_esd              ? 
_cell.angle_beta                   90.000 
_cell.angle_beta_esd               ? 
_cell.angle_gamma                  90.000 
_cell.angle_gamma_esd              ? 
_cell.entry_id                     7Z81 
_cell.details                      ? 
_cell.formula_units_Z              ? 
_cell.length_a                     38.195 
_cell.length_a_esd                 ? 
_cell.length_b                     38.195 
_cell.length_b_esd                 ? 
_cell.length_c                     88.384 
_cell.length_c_esd                 ? 
_cell.volume                       128939.708 
_cell.volume_esd                   ? 
_cell.Z_PDB                        8 
_cell.reciprocal_angle_alpha       ? 
_cell.reciprocal_angle_beta        ? 
_cell.reciprocal_angle_gamma       ? 
_cell.reciprocal_angle_alpha_esd   ? 
_cell.reciprocal_angle_beta_esd    ? 
_cell.reciprocal_angle_gamma_esd   ? 
_cell.reciprocal_length_a          ? 
_cell.reciprocal_length_b          ? 
_cell.reciprocal_length_c          ? 
_cell.reciprocal_length_a_esd      ? 
_cell.reciprocal_length_b_esd      ? 
_cell.reciprocal_length_c_esd      ? 
_cell.pdbx_unique_axis             ? 
# 
_symmetry.entry_id                         7Z81 
_symmetry.cell_setting                     ? 
_symmetry.Int_Tables_number                96 
_symmetry.space_group_name_Hall            'P 4nw 2abw' 
_symmetry.space_group_name_H-M             'P 43 21 2' 
_symmetry.pdbx_full_space_group_name_H-M   ? 
# 
_exptl.absorpt_coefficient_mu     ? 
_exptl.absorpt_correction_T_max   ? 
_exptl.absorpt_correction_T_min   ? 
_exptl.absorpt_correction_type    ? 
_exptl.absorpt_process_details    ? 
_exptl.entry_id                   7Z81 
_exptl.crystals_number            1 
_exptl.details                    ? 
_exptl.method                     'X-RAY DIFFRACTION' 
_exptl.method_details             ? 
# 
_exptl_crystal.colour                      ? 
_exptl_crystal.density_diffrn              ? 
_exptl_crystal.density_Matthews            2.93 
_exptl_crystal.density_method              ? 
_exptl_crystal.density_percent_sol         58.07 
_exptl_crystal.description                 ? 
_exptl_crystal.F_000                       ? 
_exptl_crystal.id                          1 
_exptl_crystal.preparation                 ? 
_exptl_crystal.size_max                    ? 
_exptl_crystal.size_mid                    ? 
_exptl_crystal.size_min                    ? 
_exptl_crystal.size_rad                    ? 
_exptl_crystal.colour_lustre               ? 
_exptl_crystal.colour_modifier             ? 
_exptl_crystal.colour_primary              ? 
_exptl_crystal.density_meas                ? 
_exptl_crystal.density_meas_esd            ? 
_exptl_crystal.density_meas_gt             ? 
_exptl_crystal.density_meas_lt             ? 
_exptl_crystal.density_meas_temp           ? 
_exptl_crystal.density_meas_temp_esd       ? 
_exptl_crystal.density_meas_temp_gt        ? 
_exptl_crystal.density_meas_temp_lt        ? 
_exptl_crystal.pdbx_crystal_image_url      ? 
_exptl_crystal.pdbx_crystal_image_format   ? 
_exptl_crystal.pdbx_mosaicity              ? 
_exptl_crystal.pdbx_mosaicity_esd          ? 
# 
_exptl_crystal_grow.apparatus       ? 
_exptl_crystal_grow.atmosphere      ? 
_exptl_crystal_grow.crystal_id      1 
_exptl_crystal_grow.details         ? 
_exptl_crystal_grow.method          'VAPOR DIFFUSION, HANGING DROP' 
_exptl_crystal_grow.method_ref      ? 
_exptl_crystal_grow.pH              6.5 
_exptl_crystal_grow.pressure        ? 
_exptl_crystal_grow.pressure_esd    ? 
_exptl_crystal_grow.seeding         ? 
_exptl_crystal_grow.seeding_ref     ? 
_exptl_crystal_grow.temp            293 
_exptl_crystal_grow.temp_details    ? 
_exptl_crystal_grow.temp_esd        ? 
_exptl_crystal_grow.time            ? 
_exptl_crystal_grow.pdbx_details    
;Natrix crystallization screen (Hampton Research)
precipitant 18-22% (+/-)-2-Methyl-2,4-pentanediol
buffer 0.04 M Sodium cacodylate trihydrate
salt 0.04 M Magnezium chloride hexahydrate
0.08 M Strontium chloride hexahydrate
additive 0.012 M spermine tetrahydrochloride
;
_exptl_crystal_grow.pdbx_pH_range   ? 
# 
_diffrn.ambient_environment              ? 
_diffrn.ambient_temp                     100 
_diffrn.ambient_temp_details             ? 
_diffrn.ambient_temp_esd                 ? 
_diffrn.crystal_id                       1 
_diffrn.crystal_support                  ? 
_diffrn.crystal_treatment                ? 
_diffrn.details                          ? 
_diffrn.id                               1 
_diffrn.ambient_pressure                 ? 
_diffrn.ambient_pressure_esd             ? 
_diffrn.ambient_pressure_gt              ? 
_diffrn.ambient_pressure_lt              ? 
_diffrn.ambient_temp_gt                  ? 
_diffrn.ambient_temp_lt                  ? 
_diffrn.pdbx_serial_crystal_experiment   N 
# 
_diffrn_detector.details                      ? 
_diffrn_detector.detector                     PIXEL 
_diffrn_detector.diffrn_id                    1 
_diffrn_detector.type                         'DECTRIS PILATUS 6M' 
_diffrn_detector.area_resol_mean              ? 
_diffrn_detector.dtime                        ? 
_diffrn_detector.pdbx_frames_total            ? 
_diffrn_detector.pdbx_collection_time_total   ? 
_diffrn_detector.pdbx_collection_date         2021-07-22 
_diffrn_detector.pdbx_frequency               ? 
# 
_diffrn_radiation.collimation                      ? 
_diffrn_radiation.diffrn_id                        1 
_diffrn_radiation.filter_edge                      ? 
_diffrn_radiation.inhomogeneity                    ? 
_diffrn_radiation.monochromator                    'Si (111)' 
_diffrn_radiation.polarisn_norm                    ? 
_diffrn_radiation.polarisn_ratio                   ? 
_diffrn_radiation.probe                            ? 
_diffrn_radiation.type                             ? 
_diffrn_radiation.xray_symbol                      ? 
_diffrn_radiation.wavelength_id                    1 
_diffrn_radiation.pdbx_monochromatic_or_laue_m_l   M 
_diffrn_radiation.pdbx_wavelength_list             ? 
_diffrn_radiation.pdbx_wavelength                  ? 
_diffrn_radiation.pdbx_diffrn_protocol             'SINGLE WAVELENGTH' 
_diffrn_radiation.pdbx_analyzer                    ? 
_diffrn_radiation.pdbx_scattering_type             x-ray 
# 
_diffrn_radiation_wavelength.id           1 
_diffrn_radiation_wavelength.wavelength   0.9184 
_diffrn_radiation_wavelength.wt           1.0 
# 
_diffrn_source.current                     ? 
_diffrn_source.details                     ? 
_diffrn_source.diffrn_id                   1 
_diffrn_source.power                       ? 
_diffrn_source.size                        ? 
_diffrn_source.source                      SYNCHROTRON 
_diffrn_source.target                      ? 
_diffrn_source.type                        'BESSY BEAMLINE 14.1' 
_diffrn_source.voltage                     ? 
_diffrn_source.take-off_angle              ? 
_diffrn_source.pdbx_wavelength_list        0.9184 
_diffrn_source.pdbx_wavelength             ? 
_diffrn_source.pdbx_synchrotron_beamline   14.1 
_diffrn_source.pdbx_synchrotron_site       BESSY 
# 
_reflns.B_iso_Wilson_estimate                          109.22 
_reflns.entry_id                                       7Z81 
_reflns.data_reduction_details                         ? 
_reflns.data_reduction_method                          ? 
_reflns.d_resolution_high                              2.75 
_reflns.d_resolution_low                               44.19 
_reflns.details                                        ? 
_reflns.limit_h_max                                    ? 
_reflns.limit_h_min                                    ? 
_reflns.limit_k_max                                    ? 
_reflns.limit_k_min                                    ? 
_reflns.limit_l_max                                    ? 
_reflns.limit_l_min                                    ? 
_reflns.number_all                                     ? 
_reflns.number_obs                                     1971 
_reflns.observed_criterion                             ? 
_reflns.observed_criterion_F_max                       ? 
_reflns.observed_criterion_F_min                       ? 
_reflns.observed_criterion_I_max                       ? 
_reflns.observed_criterion_I_min                       ? 
_reflns.observed_criterion_sigma_F                     ? 
_reflns.observed_criterion_sigma_I                     ? 
_reflns.percent_possible_obs                           100 
_reflns.R_free_details                                 ? 
_reflns.Rmerge_F_all                                   ? 
_reflns.Rmerge_F_obs                                   ? 
_reflns.Friedel_coverage                               ? 
_reflns.number_gt                                      ? 
_reflns.threshold_expression                           ? 
_reflns.pdbx_redundancy                                22.6 
_reflns.pdbx_Rmerge_I_obs                              0.065 
_reflns.pdbx_Rmerge_I_all                              ? 
_reflns.pdbx_Rsym_value                                ? 
_reflns.pdbx_netI_over_av_sigmaI                       ? 
_reflns.pdbx_netI_over_sigmaI                          26.4 
_reflns.pdbx_res_netI_over_av_sigmaI_2                 ? 
_reflns.pdbx_res_netI_over_sigmaI_2                    ? 
_reflns.pdbx_chi_squared                               1.01 
_reflns.pdbx_scaling_rejects                           ? 
_reflns.pdbx_d_res_high_opt                            ? 
_reflns.pdbx_d_res_low_opt                             ? 
_reflns.pdbx_d_res_opt_method                          ? 
_reflns.phase_calculation_details                      ? 
_reflns.pdbx_Rrim_I_all                                0.066 
_reflns.pdbx_Rpim_I_all                                0.014 
_reflns.pdbx_d_opt                                     ? 
_reflns.pdbx_number_measured_all                       ? 
_reflns.pdbx_diffrn_id                                 1 
_reflns.pdbx_ordinal                                   1 
_reflns.pdbx_CC_half                                   0.998 
_reflns.pdbx_CC_star                                   ? 
_reflns.pdbx_R_split                                   ? 
_reflns.pdbx_aniso_diffraction_limit_axis_1_ortho[1]   ? 
_reflns.pdbx_aniso_diffraction_limit_axis_1_ortho[2]   ? 
_reflns.pdbx_aniso_diffraction_limit_axis_1_ortho[3]   ? 
_reflns.pdbx_aniso_diffraction_limit_axis_2_ortho[1]   ? 
_reflns.pdbx_aniso_diffraction_limit_axis_2_ortho[2]   ? 
_reflns.pdbx_aniso_diffraction_limit_axis_2_ortho[3]   ? 
_reflns.pdbx_aniso_diffraction_limit_axis_3_ortho[1]   ? 
_reflns.pdbx_aniso_diffraction_limit_axis_3_ortho[2]   ? 
_reflns.pdbx_aniso_diffraction_limit_axis_3_ortho[3]   ? 
_reflns.pdbx_aniso_diffraction_limit_1                 ? 
_reflns.pdbx_aniso_diffraction_limit_2                 ? 
_reflns.pdbx_aniso_diffraction_limit_3                 ? 
_reflns.pdbx_aniso_B_tensor_eigenvector_1_ortho[1]     ? 
_reflns.pdbx_aniso_B_tensor_eigenvector_1_ortho[2]     ? 
_reflns.pdbx_aniso_B_tensor_eigenvector_1_ortho[3]     ? 
_reflns.pdbx_aniso_B_tensor_eigenvector_2_ortho[1]     ? 
_reflns.pdbx_aniso_B_tensor_eigenvector_2_ortho[2]     ? 
_reflns.pdbx_aniso_B_tensor_eigenvector_2_ortho[3]     ? 
_reflns.pdbx_aniso_B_tensor_eigenvector_3_ortho[1]     ? 
_reflns.pdbx_aniso_B_tensor_eigenvector_3_ortho[2]     ? 
_reflns.pdbx_aniso_B_tensor_eigenvector_3_ortho[3]     ? 
_reflns.pdbx_aniso_B_tensor_eigenvalue_1               ? 
_reflns.pdbx_aniso_B_tensor_eigenvalue_2               ? 
_reflns.pdbx_aniso_B_tensor_eigenvalue_3               ? 
_reflns.pdbx_orthogonalization_convention              ? 
_reflns.pdbx_percent_possible_ellipsoidal              ? 
_reflns.pdbx_percent_possible_spherical                ? 
_reflns.pdbx_percent_possible_ellipsoidal_anomalous    ? 
_reflns.pdbx_percent_possible_spherical_anomalous      ? 
_reflns.pdbx_redundancy_anomalous                      ? 
_reflns.pdbx_CC_half_anomalous                         ? 
_reflns.pdbx_absDiff_over_sigma_anomalous              ? 
_reflns.pdbx_percent_possible_anomalous                ? 
_reflns.pdbx_observed_signal_threshold                 ? 
_reflns.pdbx_signal_type                               ? 
_reflns.pdbx_signal_details                            ? 
_reflns.pdbx_signal_software_id                        ? 
# 
_reflns_shell.d_res_high                                    2.75 
_reflns_shell.d_res_low                                     2.92 
_reflns_shell.meanI_over_sigI_all                           ? 
_reflns_shell.meanI_over_sigI_obs                           2.1 
_reflns_shell.number_measured_all                           ? 
_reflns_shell.number_measured_obs                           ? 
_reflns_shell.number_possible                               ? 
_reflns_shell.number_unique_all                             ? 
_reflns_shell.number_unique_obs                             304 
_reflns_shell.percent_possible_all                          100 
_reflns_shell.percent_possible_obs                          ? 
_reflns_shell.Rmerge_F_all                                  ? 
_reflns_shell.Rmerge_F_obs                                  ? 
_reflns_shell.Rmerge_I_all                                  ? 
_reflns_shell.Rmerge_I_obs                                  1.933 
_reflns_shell.meanI_over_sigI_gt                            ? 
_reflns_shell.meanI_over_uI_all                             ? 
_reflns_shell.meanI_over_uI_gt                              ? 
_reflns_shell.number_measured_gt                            ? 
_reflns_shell.number_unique_gt                              ? 
_reflns_shell.percent_possible_gt                           ? 
_reflns_shell.Rmerge_F_gt                                   ? 
_reflns_shell.Rmerge_I_gt                                   ? 
_reflns_shell.pdbx_redundancy                               24.8 
_reflns_shell.pdbx_Rsym_value                               ? 
_reflns_shell.pdbx_chi_squared                              1.02 
_reflns_shell.pdbx_netI_over_sigmaI_all                     ? 
_reflns_shell.pdbx_netI_over_sigmaI_obs                     ? 
_reflns_shell.pdbx_Rrim_I_all                               1.973 
_reflns_shell.pdbx_Rpim_I_all                               0.393 
_reflns_shell.pdbx_rejects                                  ? 
_reflns_shell.pdbx_ordinal                                  1 
_reflns_shell.pdbx_diffrn_id                                1 
_reflns_shell.pdbx_CC_half                                  0.871 
_reflns_shell.pdbx_CC_star                                  ? 
_reflns_shell.pdbx_R_split                                  ? 
_reflns_shell.pdbx_percent_possible_ellipsoidal             ? 
_reflns_shell.pdbx_percent_possible_spherical               ? 
_reflns_shell.pdbx_percent_possible_ellipsoidal_anomalous   ? 
_reflns_shell.pdbx_percent_possible_spherical_anomalous     ? 
_reflns_shell.pdbx_redundancy_anomalous                     ? 
_reflns_shell.pdbx_CC_half_anomalous                        ? 
_reflns_shell.pdbx_absDiff_over_sigma_anomalous             ? 
_reflns_shell.pdbx_percent_possible_anomalous               ? 
# 
_refine.aniso_B[1][1]                            ? 
_refine.aniso_B[1][2]                            ? 
_refine.aniso_B[1][3]                            ? 
_refine.aniso_B[2][2]                            ? 
_refine.aniso_B[2][3]                            ? 
_refine.aniso_B[3][3]                            ? 
_refine.B_iso_max                                ? 
_refine.B_iso_mean                               108.91 
_refine.B_iso_min                                ? 
_refine.correlation_coeff_Fo_to_Fc               ? 
_refine.correlation_coeff_Fo_to_Fc_free          ? 
_refine.details                                  ? 
_refine.diff_density_max                         ? 
_refine.diff_density_max_esd                     ? 
_refine.diff_density_min                         ? 
_refine.diff_density_min_esd                     ? 
_refine.diff_density_rms                         ? 
_refine.diff_density_rms_esd                     ? 
_refine.entry_id                                 7Z81 
_refine.pdbx_refine_id                           'X-RAY DIFFRACTION' 
_refine.ls_abs_structure_details                 ? 
_refine.ls_abs_structure_Flack                   ? 
_refine.ls_abs_structure_Flack_esd               ? 
_refine.ls_abs_structure_Rogers                  ? 
_refine.ls_abs_structure_Rogers_esd              ? 
_refine.ls_d_res_high                            2.75 
_refine.ls_d_res_low                             19.13 
_refine.ls_extinction_coef                       ? 
_refine.ls_extinction_coef_esd                   ? 
_refine.ls_extinction_expression                 ? 
_refine.ls_extinction_method                     ? 
_refine.ls_goodness_of_fit_all                   ? 
_refine.ls_goodness_of_fit_all_esd               ? 
_refine.ls_goodness_of_fit_obs                   ? 
_refine.ls_goodness_of_fit_obs_esd               ? 
_refine.ls_hydrogen_treatment                    ? 
_refine.ls_matrix_type                           ? 
_refine.ls_number_constraints                    ? 
_refine.ls_number_parameters                     ? 
_refine.ls_number_reflns_all                     ? 
_refine.ls_number_reflns_obs                     1841 
_refine.ls_number_reflns_R_free                  97 
_refine.ls_number_reflns_R_work                  0 
_refine.ls_number_restraints                     ? 
_refine.ls_percent_reflns_obs                    99.95 
_refine.ls_percent_reflns_R_free                 5 
_refine.ls_R_factor_all                          ? 
_refine.ls_R_factor_obs                          0.2771 
_refine.ls_R_factor_R_free                       0.3377 
_refine.ls_R_factor_R_free_error                 ? 
_refine.ls_R_factor_R_free_error_details         ? 
_refine.ls_R_factor_R_work                       0.2731 
_refine.ls_R_Fsqd_factor_obs                     ? 
_refine.ls_R_I_factor_obs                        ? 
_refine.ls_redundancy_reflns_all                 ? 
_refine.ls_redundancy_reflns_obs                 ? 
_refine.ls_restrained_S_all                      ? 
_refine.ls_restrained_S_obs                      ? 
_refine.ls_shift_over_esd_max                    ? 
_refine.ls_shift_over_esd_mean                   ? 
_refine.ls_structure_factor_coef                 ? 
_refine.ls_weighting_details                     ? 
_refine.ls_weighting_scheme                      ? 
_refine.ls_wR_factor_all                         ? 
_refine.ls_wR_factor_obs                         ? 
_refine.ls_wR_factor_R_free                      ? 
_refine.ls_wR_factor_R_work                      ? 
_refine.occupancy_max                            ? 
_refine.occupancy_min                            ? 
_refine.solvent_model_details                    'FLAT BULK SOLVENT MODEL' 
_refine.solvent_model_param_bsol                 ? 
_refine.solvent_model_param_ksol                 ? 
_refine.pdbx_R_complete                          ? 
_refine.ls_R_factor_gt                           ? 
_refine.ls_goodness_of_fit_gt                    ? 
_refine.ls_goodness_of_fit_ref                   ? 
_refine.ls_shift_over_su_max                     ? 
_refine.ls_shift_over_su_max_lt                  ? 
_refine.ls_shift_over_su_mean                    ? 
_refine.ls_shift_over_su_mean_lt                 ? 
_refine.pdbx_ls_sigma_I                          ? 
_refine.pdbx_ls_sigma_F                          1.35 
_refine.pdbx_ls_sigma_Fsqd                       ? 
_refine.pdbx_data_cutoff_high_absF               ? 
_refine.pdbx_data_cutoff_high_rms_absF           ? 
_refine.pdbx_data_cutoff_low_absF                ? 
_refine.pdbx_isotropic_thermal_model             ? 
_refine.pdbx_ls_cross_valid_method               'FREE R-VALUE' 
_refine.pdbx_method_to_determine_struct          'MOLECULAR REPLACEMENT' 
_refine.pdbx_starting_model                      6ROS 
_refine.pdbx_stereochemistry_target_values       'GeoStd + Monomer Library + CDL v1.2' 
_refine.pdbx_R_Free_selection_details            Random 
_refine.pdbx_stereochem_target_val_spec_case     ? 
_refine.pdbx_overall_ESU_R                       ? 
_refine.pdbx_overall_ESU_R_Free                  ? 
_refine.pdbx_solvent_vdw_probe_radii             1.1100 
_refine.pdbx_solvent_ion_probe_radii             ? 
_refine.pdbx_solvent_shrinkage_radii             0.9000 
_refine.pdbx_real_space_R                        ? 
_refine.pdbx_density_correlation                 ? 
_refine.pdbx_pd_number_of_powder_patterns        ? 
_refine.pdbx_pd_number_of_points                 ? 
_refine.pdbx_pd_meas_number_of_points            ? 
_refine.pdbx_pd_proc_ls_prof_R_factor            ? 
_refine.pdbx_pd_proc_ls_prof_wR_factor           ? 
_refine.pdbx_pd_Marquardt_correlation_coeff      ? 
_refine.pdbx_pd_Fsqrd_R_factor                   ? 
_refine.pdbx_pd_ls_matrix_band_width             ? 
_refine.pdbx_overall_phase_error                 37.0939 
_refine.pdbx_overall_SU_R_free_Cruickshank_DPI   ? 
_refine.pdbx_overall_SU_R_free_Blow_DPI          ? 
_refine.pdbx_overall_SU_R_Blow_DPI               ? 
_refine.pdbx_TLS_residual_ADP_flag               ? 
_refine.pdbx_diffrn_id                           1 
_refine.overall_SU_B                             ? 
_refine.overall_SU_ML                            0.5756 
_refine.overall_SU_R_Cruickshank_DPI             ? 
_refine.overall_SU_R_free                        ? 
_refine.overall_FOM_free_R_set                   ? 
_refine.overall_FOM_work_R_set                   ? 
_refine.pdbx_average_fsc_overall                 ? 
_refine.pdbx_average_fsc_work                    ? 
_refine.pdbx_average_fsc_free                    ? 
# 
_refine_hist.pdbx_refine_id                   'X-RAY DIFFRACTION' 
_refine_hist.cycle_id                         LAST 
_refine_hist.details                          ? 
_refine_hist.d_res_high                       2.75 
_refine_hist.d_res_low                        19.13 
_refine_hist.number_atoms_solvent             0 
_refine_hist.number_atoms_total               365 
_refine_hist.number_reflns_all                ? 
_refine_hist.number_reflns_obs                ? 
_refine_hist.number_reflns_R_free             ? 
_refine_hist.number_reflns_R_work             ? 
_refine_hist.R_factor_all                     ? 
_refine_hist.R_factor_obs                     ? 
_refine_hist.R_factor_R_free                  ? 
_refine_hist.R_factor_R_work                  ? 
_refine_hist.pdbx_number_residues_total       ? 
_refine_hist.pdbx_B_iso_mean_ligand           ? 
_refine_hist.pdbx_B_iso_mean_solvent          ? 
_refine_hist.pdbx_number_atoms_protein        0 
_refine_hist.pdbx_number_atoms_nucleic_acid   364 
_refine_hist.pdbx_number_atoms_ligand         1 
_refine_hist.pdbx_number_atoms_lipid          ? 
_refine_hist.pdbx_number_atoms_carb           ? 
_refine_hist.pdbx_pseudo_atom_details         ? 
# 
loop_
_refine_ls_restr.pdbx_refine_id 
_refine_ls_restr.criterion 
_refine_ls_restr.dev_ideal 
_refine_ls_restr.dev_ideal_target 
_refine_ls_restr.number 
_refine_ls_restr.rejects 
_refine_ls_restr.type 
_refine_ls_restr.weight 
_refine_ls_restr.pdbx_restraint_function 
'X-RAY DIFFRACTION' ? 0.0064  ? 407 ? f_bond_d           ? ? 
'X-RAY DIFFRACTION' ? 0.7446  ? 626 ? f_angle_d          ? ? 
'X-RAY DIFFRACTION' ? 0.0361  ? 71  ? f_chiral_restr     ? ? 
'X-RAY DIFFRACTION' ? 0.0048  ? 18  ? f_plane_restr      ? ? 
'X-RAY DIFFRACTION' ? 17.0618 ? 176 ? f_dihedral_angle_d ? ? 
# 
_refine_ls_shell.pdbx_refine_id                   'X-RAY DIFFRACTION' 
_refine_ls_shell.d_res_high                       2.75 
_refine_ls_shell.d_res_low                        2.85 
_refine_ls_shell.number_reflns_all                ? 
_refine_ls_shell.number_reflns_obs                ? 
_refine_ls_shell.number_reflns_R_free             9 
_refine_ls_shell.number_reflns_R_work             174 
_refine_ls_shell.percent_reflns_obs               100.00 
_refine_ls_shell.percent_reflns_R_free            4.9 
_refine_ls_shell.R_factor_all                     ? 
_refine_ls_shell.R_factor_obs                     ? 
_refine_ls_shell.R_factor_R_free                  0.5856 
_refine_ls_shell.R_factor_R_free_error            ? 
_refine_ls_shell.R_factor_R_work                  0.4989 
_refine_ls_shell.redundancy_reflns_all            ? 
_refine_ls_shell.redundancy_reflns_obs            ? 
_refine_ls_shell.wR_factor_all                    ? 
_refine_ls_shell.wR_factor_obs                    ? 
_refine_ls_shell.wR_factor_R_free                 ? 
_refine_ls_shell.wR_factor_R_work                 ? 
_refine_ls_shell.pdbx_R_complete                  ? 
_refine_ls_shell.pdbx_total_number_of_bins_used   ? 
_refine_ls_shell.pdbx_phase_error                 ? 
_refine_ls_shell.pdbx_fsc_work                    ? 
_refine_ls_shell.pdbx_fsc_free                    ? 
# 
_struct.entry_id                     7Z81 
_struct.title                        'REP-related Chom18 variant with double TC mismatch' 
_struct.pdbx_model_details           ? 
_struct.pdbx_formula_weight          ? 
_struct.pdbx_formula_weight_method   ? 
_struct.pdbx_model_type_details      ? 
_struct.pdbx_CASP_flag               N 
# 
_struct_keywords.entry_id        7Z81 
_struct_keywords.text            'Mismatch, Non-canonical, Base pair, Double helix, DNA' 
_struct_keywords.pdbx_keywords   DNA 
# 
loop_
_struct_asym.id 
_struct_asym.pdbx_blank_PDB_chainid_flag 
_struct_asym.pdbx_modified 
_struct_asym.entity_id 
_struct_asym.details 
A N N 1 ? 
B N N 2 ? 
# 
_struct_ref.id                         1 
_struct_ref.db_name                    PDB 
_struct_ref.db_code                    7Z81 
_struct_ref.pdbx_db_accession          7Z81 
_struct_ref.pdbx_db_isoform            ? 
_struct_ref.entity_id                  1 
_struct_ref.pdbx_seq_one_letter_code   ? 
_struct_ref.pdbx_align_begin           1 
# 
_struct_ref_seq.align_id                      1 
_struct_ref_seq.ref_id                        1 
_struct_ref_seq.pdbx_PDB_id_code              7Z81 
_struct_ref_seq.pdbx_strand_id                A 
_struct_ref_seq.seq_align_beg                 1 
_struct_ref_seq.pdbx_seq_align_beg_ins_code   ? 
_struct_ref_seq.seq_align_end                 18 
_struct_ref_seq.pdbx_seq_align_end_ins_code   ? 
_struct_ref_seq.pdbx_db_accession             7Z81 
_struct_ref_seq.db_align_beg                  1 
_struct_ref_seq.pdbx_db_align_beg_ins_code    ? 
_struct_ref_seq.db_align_end                  18 
_struct_ref_seq.pdbx_db_align_end_ins_code    ? 
_struct_ref_seq.pdbx_auth_seq_align_beg       1 
_struct_ref_seq.pdbx_auth_seq_align_end       18 
# 
_pdbx_struct_assembly.id                   1 
_pdbx_struct_assembly.details              author_defined_assembly 
_pdbx_struct_assembly.method_details       ? 
_pdbx_struct_assembly.oligomeric_details   dimeric 
_pdbx_struct_assembly.oligomeric_count     2 
# 
loop_
_pdbx_struct_assembly_prop.biol_id 
_pdbx_struct_assembly_prop.type 
_pdbx_struct_assembly_prop.value 
_pdbx_struct_assembly_prop.details 
1 'ABSA (A^2)' 2170 ? 
1 MORE         -68  ? 
1 'SSA (A^2)'  6370 ? 
# 
_pdbx_struct_assembly_gen.assembly_id       1 
_pdbx_struct_assembly_gen.oper_expression   1,2 
_pdbx_struct_assembly_gen.asym_id_list      A,B 
# 
_pdbx_struct_assembly_auth_evidence.id                     1 
_pdbx_struct_assembly_auth_evidence.assembly_id            1 
_pdbx_struct_assembly_auth_evidence.experimental_support   none 
_pdbx_struct_assembly_auth_evidence.details                ? 
# 
loop_
_pdbx_struct_oper_list.id 
_pdbx_struct_oper_list.type 
_pdbx_struct_oper_list.name 
_pdbx_struct_oper_list.symmetry_operation 
_pdbx_struct_oper_list.matrix[1][1] 
_pdbx_struct_oper_list.matrix[1][2] 
_pdbx_struct_oper_list.matrix[1][3] 
_pdbx_struct_oper_list.vector[1] 
_pdbx_struct_oper_list.matrix[2][1] 
_pdbx_struct_oper_list.matrix[2][2] 
_pdbx_struct_oper_list.matrix[2][3] 
_pdbx_struct_oper_list.vector[2] 
_pdbx_struct_oper_list.matrix[3][1] 
_pdbx_struct_oper_list.matrix[3][2] 
_pdbx_struct_oper_list.matrix[3][3] 
_pdbx_struct_oper_list.vector[3] 
1 'identity operation'         1_555 x,y,z      1.0000000000  0.0000000000  0.0000000000 0.0000000000 0.0000000000  1.0000000000  0.0000000000  0.0000000000  0.0000000000 0.0000000000  1.0000000000 0.0000000000  
2 'crystal symmetry operation' 7_465 y-1,x+1,-z -0.9335519406 -0.1721739176 0.3143833907 2.5784275267 -0.1721739176 -0.5538792530 -0.8146004636 -1.3508879585 0.3143833907 -0.8146004636 0.4874311935 -1.2847980828 
# 
loop_
_struct_conn.id 
_struct_conn.conn_type_id 
_struct_conn.pdbx_leaving_atom_flag 
_struct_conn.pdbx_PDB_id 
_struct_conn.ptnr1_label_asym_id 
_struct_conn.ptnr1_label_comp_id 
_struct_conn.ptnr1_label_seq_id 
_struct_conn.ptnr1_label_atom_id 
_struct_conn.pdbx_ptnr1_label_alt_id 
_struct_conn.pdbx_ptnr1_PDB_ins_code 
_struct_conn.pdbx_ptnr1_standard_comp_id 
_struct_conn.ptnr1_symmetry 
_struct_conn.ptnr2_label_asym_id 
_struct_conn.ptnr2_label_comp_id 
_struct_conn.ptnr2_label_seq_id 
_struct_conn.ptnr2_label_atom_id 
_struct_conn.pdbx_ptnr2_label_alt_id 
_struct_conn.pdbx_ptnr2_PDB_ins_code 
_struct_conn.ptnr1_auth_asym_id 
_struct_conn.ptnr1_auth_comp_id 
_struct_conn.ptnr1_auth_seq_id 
_struct_conn.ptnr2_auth_asym_id 
_struct_conn.ptnr2_auth_comp_id 
_struct_conn.ptnr2_auth_seq_id 
_struct_conn.ptnr2_symmetry 
_struct_conn.pdbx_ptnr3_label_atom_id 
_struct_conn.pdbx_ptnr3_label_seq_id 
_struct_conn.pdbx_ptnr3_label_comp_id 
_struct_conn.pdbx_ptnr3_label_asym_id 
_struct_conn.pdbx_ptnr3_label_alt_id 
_struct_conn.pdbx_ptnr3_PDB_ins_code 
_struct_conn.details 
_struct_conn.pdbx_dist_value 
_struct_conn.pdbx_value_order 
_struct_conn.pdbx_role 
metalc1  metalc ? ? A DG 6  O6 ? ? ? 1_555 B SR .  SR ? ? A DG 6  A SR 101 7_465 ? ? ? ? ? ? ?            2.975 ? ? 
metalc2  metalc ? ? A DG 7  O6 ? ? ? 1_555 B SR .  SR ? ? A DG 7  A SR 101 7_465 ? ? ? ? ? ? ?            2.614 ? ? 
hydrog1  hydrog ? ? A DG 1  N1 ? ? ? 1_555 A DC 18 N3 ? ? A DG 1  A DC 18  7_465 ? ? ? ? ? ? WATSON-CRICK ?     ? ? 
hydrog2  hydrog ? ? A DG 1  N2 ? ? ? 1_555 A DC 18 O2 ? ? A DG 1  A DC 18  7_465 ? ? ? ? ? ? WATSON-CRICK ?     ? ? 
hydrog3  hydrog ? ? A DG 1  O6 ? ? ? 1_555 A DC 18 N4 ? ? A DG 1  A DC 18  7_465 ? ? ? ? ? ? WATSON-CRICK ?     ? ? 
hydrog4  hydrog ? ? A DG 2  N1 ? ? ? 1_555 A DC 17 N3 ? ? A DG 2  A DC 17  7_465 ? ? ? ? ? ? WATSON-CRICK ?     ? ? 
hydrog5  hydrog ? ? A DG 2  N2 ? ? ? 1_555 A DC 17 O2 ? ? A DG 2  A DC 17  7_465 ? ? ? ? ? ? WATSON-CRICK ?     ? ? 
hydrog6  hydrog ? ? A DG 2  O6 ? ? ? 1_555 A DC 17 N4 ? ? A DG 2  A DC 17  7_465 ? ? ? ? ? ? WATSON-CRICK ?     ? ? 
hydrog7  hydrog ? ? A DT 3  N3 ? ? ? 1_555 A DA 16 N1 ? ? A DT 3  A DA 16  7_465 ? ? ? ? ? ? WATSON-CRICK ?     ? ? 
hydrog8  hydrog ? ? A DT 3  O4 ? ? ? 1_555 A DA 16 N6 ? ? A DT 3  A DA 16  7_465 ? ? ? ? ? ? WATSON-CRICK ?     ? ? 
hydrog9  hydrog ? ? A DG 4  N1 ? ? ? 1_555 A DC 15 N3 ? ? A DG 4  A DC 15  7_465 ? ? ? ? ? ? WATSON-CRICK ?     ? ? 
hydrog10 hydrog ? ? A DG 4  N2 ? ? ? 1_555 A DC 15 O2 ? ? A DG 4  A DC 15  7_465 ? ? ? ? ? ? WATSON-CRICK ?     ? ? 
hydrog11 hydrog ? ? A DG 4  O6 ? ? ? 1_555 A DC 15 N4 ? ? A DG 4  A DC 15  7_465 ? ? ? ? ? ? WATSON-CRICK ?     ? ? 
hydrog12 hydrog ? ? A DG 5  N1 ? ? ? 1_555 A DC 14 N3 ? ? A DG 5  A DC 14  7_465 ? ? ? ? ? ? WATSON-CRICK ?     ? ? 
hydrog13 hydrog ? ? A DG 5  N2 ? ? ? 1_555 A DC 14 O2 ? ? A DG 5  A DC 14  7_465 ? ? ? ? ? ? WATSON-CRICK ?     ? ? 
hydrog14 hydrog ? ? A DG 5  O6 ? ? ? 1_555 A DC 14 N4 ? ? A DG 5  A DC 14  7_465 ? ? ? ? ? ? WATSON-CRICK ?     ? ? 
hydrog15 hydrog ? ? A DG 6  N1 ? ? ? 1_555 A DC 13 N3 ? ? A DG 6  A DC 13  7_465 ? ? ? ? ? ? WATSON-CRICK ?     ? ? 
hydrog16 hydrog ? ? A DG 6  N2 ? ? ? 1_555 A DC 13 O2 ? ? A DG 6  A DC 13  7_465 ? ? ? ? ? ? WATSON-CRICK ?     ? ? 
hydrog17 hydrog ? ? A DG 6  O6 ? ? ? 1_555 A DC 13 N4 ? ? A DG 6  A DC 13  7_465 ? ? ? ? ? ? WATSON-CRICK ?     ? ? 
hydrog18 hydrog ? ? A DG 7  N1 ? ? ? 1_555 A DC 12 N3 ? ? A DG 7  A DC 12  7_465 ? ? ? ? ? ? WATSON-CRICK ?     ? ? 
hydrog19 hydrog ? ? A DG 7  N2 ? ? ? 1_555 A DC 12 O2 ? ? A DG 7  A DC 12  7_465 ? ? ? ? ? ? WATSON-CRICK ?     ? ? 
hydrog20 hydrog ? ? A DG 7  O6 ? ? ? 1_555 A DC 12 N4 ? ? A DG 7  A DC 12  7_465 ? ? ? ? ? ? WATSON-CRICK ?     ? ? 
hydrog21 hydrog ? ? A DC 8  N3 ? ? ? 1_555 A DG 11 N1 ? ? A DC 8  A DG 11  7_465 ? ? ? ? ? ? WATSON-CRICK ?     ? ? 
hydrog22 hydrog ? ? A DC 8  N4 ? ? ? 1_555 A DG 11 O6 ? ? A DC 8  A DG 11  7_465 ? ? ? ? ? ? WATSON-CRICK ?     ? ? 
hydrog23 hydrog ? ? A DC 8  O2 ? ? ? 1_555 A DG 11 N2 ? ? A DC 8  A DG 11  7_465 ? ? ? ? ? ? WATSON-CRICK ?     ? ? 
hydrog24 hydrog ? ? A DT 9  N3 ? ? ? 1_555 A DC 10 N3 ? ? A DT 9  A DC 10  7_465 ? ? ? ? ? ? TYPE_18_PAIR ?     ? ? 
hydrog25 hydrog ? ? A DT 9  O4 ? ? ? 1_555 A DC 10 N4 ? ? A DT 9  A DC 10  7_465 ? ? ? ? ? ? TYPE_18_PAIR ?     ? ? 
hydrog26 hydrog ? ? A DC 10 N3 ? ? ? 1_555 A DT 9  N3 ? ? A DC 10 A DT 9   7_465 ? ? ? ? ? ? TYPE_18_PAIR ?     ? ? 
hydrog27 hydrog ? ? A DC 10 N4 ? ? ? 1_555 A DT 9  O4 ? ? A DC 10 A DT 9   7_465 ? ? ? ? ? ? TYPE_18_PAIR ?     ? ? 
hydrog28 hydrog ? ? A DG 11 N1 ? ? ? 1_555 A DC 8  N3 ? ? A DG 11 A DC 8   7_465 ? ? ? ? ? ? WATSON-CRICK ?     ? ? 
hydrog29 hydrog ? ? A DG 11 N2 ? ? ? 1_555 A DC 8  O2 ? ? A DG 11 A DC 8   7_465 ? ? ? ? ? ? WATSON-CRICK ?     ? ? 
hydrog30 hydrog ? ? A DG 11 O6 ? ? ? 1_555 A DC 8  N4 ? ? A DG 11 A DC 8   7_465 ? ? ? ? ? ? WATSON-CRICK ?     ? ? 
hydrog31 hydrog ? ? A DC 12 N3 ? ? ? 1_555 A DG 7  N1 ? ? A DC 12 A DG 7   7_465 ? ? ? ? ? ? WATSON-CRICK ?     ? ? 
hydrog32 hydrog ? ? A DC 12 N4 ? ? ? 1_555 A DG 7  O6 ? ? A DC 12 A DG 7   7_465 ? ? ? ? ? ? WATSON-CRICK ?     ? ? 
hydrog33 hydrog ? ? A DC 12 O2 ? ? ? 1_555 A DG 7  N2 ? ? A DC 12 A DG 7   7_465 ? ? ? ? ? ? WATSON-CRICK ?     ? ? 
hydrog34 hydrog ? ? A DC 13 N3 ? ? ? 1_555 A DG 6  N1 ? ? A DC 13 A DG 6   7_465 ? ? ? ? ? ? WATSON-CRICK ?     ? ? 
hydrog35 hydrog ? ? A DC 13 N4 ? ? ? 1_555 A DG 6  O6 ? ? A DC 13 A DG 6   7_465 ? ? ? ? ? ? WATSON-CRICK ?     ? ? 
hydrog36 hydrog ? ? A DC 13 O2 ? ? ? 1_555 A DG 6  N2 ? ? A DC 13 A DG 6   7_465 ? ? ? ? ? ? WATSON-CRICK ?     ? ? 
hydrog37 hydrog ? ? A DC 14 N3 ? ? ? 1_555 A DG 5  N1 ? ? A DC 14 A DG 5   7_465 ? ? ? ? ? ? WATSON-CRICK ?     ? ? 
hydrog38 hydrog ? ? A DC 14 N4 ? ? ? 1_555 A DG 5  O6 ? ? A DC 14 A DG 5   7_465 ? ? ? ? ? ? WATSON-CRICK ?     ? ? 
hydrog39 hydrog ? ? A DC 14 O2 ? ? ? 1_555 A DG 5  N2 ? ? A DC 14 A DG 5   7_465 ? ? ? ? ? ? WATSON-CRICK ?     ? ? 
hydrog40 hydrog ? ? A DC 15 N3 ? ? ? 1_555 A DG 4  N1 ? ? A DC 15 A DG 4   7_465 ? ? ? ? ? ? WATSON-CRICK ?     ? ? 
hydrog41 hydrog ? ? A DC 15 N4 ? ? ? 1_555 A DG 4  O6 ? ? A DC 15 A DG 4   7_465 ? ? ? ? ? ? WATSON-CRICK ?     ? ? 
hydrog42 hydrog ? ? A DC 15 O2 ? ? ? 1_555 A DG 4  N2 ? ? A DC 15 A DG 4   7_465 ? ? ? ? ? ? WATSON-CRICK ?     ? ? 
hydrog43 hydrog ? ? A DA 16 N1 ? ? ? 1_555 A DT 3  N3 ? ? A DA 16 A DT 3   7_465 ? ? ? ? ? ? WATSON-CRICK ?     ? ? 
hydrog44 hydrog ? ? A DA 16 N6 ? ? ? 1_555 A DT 3  O4 ? ? A DA 16 A DT 3   7_465 ? ? ? ? ? ? WATSON-CRICK ?     ? ? 
hydrog45 hydrog ? ? A DC 17 N3 ? ? ? 1_555 A DG 2  N1 ? ? A DC 17 A DG 2   7_465 ? ? ? ? ? ? WATSON-CRICK ?     ? ? 
hydrog46 hydrog ? ? A DC 17 N4 ? ? ? 1_555 A DG 2  O6 ? ? A DC 17 A DG 2   7_465 ? ? ? ? ? ? WATSON-CRICK ?     ? ? 
hydrog47 hydrog ? ? A DC 17 O2 ? ? ? 1_555 A DG 2  N2 ? ? A DC 17 A DG 2   7_465 ? ? ? ? ? ? WATSON-CRICK ?     ? ? 
hydrog48 hydrog ? ? A DC 18 N3 ? ? ? 1_555 A DG 1  N1 ? ? A DC 18 A DG 1   7_465 ? ? ? ? ? ? WATSON-CRICK ?     ? ? 
hydrog49 hydrog ? ? A DC 18 N4 ? ? ? 1_555 A DG 1  O6 ? ? A DC 18 A DG 1   7_465 ? ? ? ? ? ? WATSON-CRICK ?     ? ? 
hydrog50 hydrog ? ? A DC 18 O2 ? ? ? 1_555 A DG 1  N2 ? ? A DC 18 A DG 1   7_465 ? ? ? ? ? ? WATSON-CRICK ?     ? ? 
# 
loop_
_struct_conn_type.id 
_struct_conn_type.criteria 
_struct_conn_type.reference 
metalc ? ? 
hydrog ? ? 
# 
_pdbx_struct_conn_angle.id                    1 
_pdbx_struct_conn_angle.ptnr1_label_atom_id   O6 
_pdbx_struct_conn_angle.ptnr1_label_alt_id    ? 
_pdbx_struct_conn_angle.ptnr1_label_asym_id   A 
_pdbx_struct_conn_angle.ptnr1_label_comp_id   DG 
_pdbx_struct_conn_angle.ptnr1_label_seq_id    6 
_pdbx_struct_conn_angle.ptnr1_auth_atom_id    ? 
_pdbx_struct_conn_angle.ptnr1_auth_asym_id    A 
_pdbx_struct_conn_angle.ptnr1_auth_comp_id    DG 
_pdbx_struct_conn_angle.ptnr1_auth_seq_id     6 
_pdbx_struct_conn_angle.ptnr1_PDB_ins_code    ? 
_pdbx_struct_conn_angle.ptnr1_symmetry        1_555 
_pdbx_struct_conn_angle.ptnr2_label_atom_id   SR 
_pdbx_struct_conn_angle.ptnr2_label_alt_id    ? 
_pdbx_struct_conn_angle.ptnr2_label_asym_id   B 
_pdbx_struct_conn_angle.ptnr2_label_comp_id   SR 
_pdbx_struct_conn_angle.ptnr2_label_seq_id    . 
_pdbx_struct_conn_angle.ptnr2_auth_atom_id    ? 
_pdbx_struct_conn_angle.ptnr2_auth_asym_id    A 
_pdbx_struct_conn_angle.ptnr2_auth_comp_id    SR 
_pdbx_struct_conn_angle.ptnr2_auth_seq_id     101 
_pdbx_struct_conn_angle.ptnr2_PDB_ins_code    ? 
_pdbx_struct_conn_angle.ptnr2_symmetry        7_465 
_pdbx_struct_conn_angle.ptnr3_label_atom_id   O6 
_pdbx_struct_conn_angle.ptnr3_label_alt_id    ? 
_pdbx_struct_conn_angle.ptnr3_label_asym_id   A 
_pdbx_struct_conn_angle.ptnr3_label_comp_id   DG 
_pdbx_struct_conn_angle.ptnr3_label_seq_id    7 
_pdbx_struct_conn_angle.ptnr3_auth_atom_id    ? 
_pdbx_struct_conn_angle.ptnr3_auth_asym_id    A 
_pdbx_struct_conn_angle.ptnr3_auth_comp_id    DG 
_pdbx_struct_conn_angle.ptnr3_auth_seq_id     7 
_pdbx_struct_conn_angle.ptnr3_PDB_ins_code    ? 
_pdbx_struct_conn_angle.ptnr3_symmetry        1_555 
_pdbx_struct_conn_angle.value                 74.2 
_pdbx_struct_conn_angle.value_esd             ? 
# 
_pdbx_validate_rmsd_angle.id                         1 
_pdbx_validate_rmsd_angle.PDB_model_num              1 
_pdbx_validate_rmsd_angle.auth_atom_id_1             "O4'" 
_pdbx_validate_rmsd_angle.auth_asym_id_1             A 
_pdbx_validate_rmsd_angle.auth_comp_id_1             DC 
_pdbx_validate_rmsd_angle.auth_seq_id_1              17 
_pdbx_validate_rmsd_angle.PDB_ins_code_1             ? 
_pdbx_validate_rmsd_angle.label_alt_id_1             ? 
_pdbx_validate_rmsd_angle.auth_atom_id_2             "C1'" 
_pdbx_validate_rmsd_angle.auth_asym_id_2             A 
_pdbx_validate_rmsd_angle.auth_comp_id_2             DC 
_pdbx_validate_rmsd_angle.auth_seq_id_2              17 
_pdbx_validate_rmsd_angle.PDB_ins_code_2             ? 
_pdbx_validate_rmsd_angle.label_alt_id_2             ? 
_pdbx_validate_rmsd_angle.auth_atom_id_3             N1 
_pdbx_validate_rmsd_angle.auth_asym_id_3             A 
_pdbx_validate_rmsd_angle.auth_comp_id_3             DC 
_pdbx_validate_rmsd_angle.auth_seq_id_3              17 
_pdbx_validate_rmsd_angle.PDB_ins_code_3             ? 
_pdbx_validate_rmsd_angle.label_alt_id_3             ? 
_pdbx_validate_rmsd_angle.angle_value                110.72 
_pdbx_validate_rmsd_angle.angle_target_value         108.30 
_pdbx_validate_rmsd_angle.angle_deviation            2.42 
_pdbx_validate_rmsd_angle.angle_standard_deviation   0.30 
_pdbx_validate_rmsd_angle.linker_flag                N 
# 
loop_
_space_group_symop.id 
_space_group_symop.operation_xyz 
1 x,y,z               
2 -y+1/2,x+1/2,z+3/4  
3 y+1/2,-x+1/2,z+1/4  
4 x+1/2,-y+1/2,-z+1/4 
5 -x+1/2,y+1/2,-z+3/4 
6 -x,-y,z+1/2         
7 y,x,-z              
8 -y,-x,-z+1/2        
# 
_pdbx_entry_details.entry_id                 7Z81 
_pdbx_entry_details.has_ligand_of_interest   N 
_pdbx_entry_details.compound_details         ? 
_pdbx_entry_details.source_details           ? 
_pdbx_entry_details.nonpolymer_details       ? 
_pdbx_entry_details.sequence_details         ? 
# 
loop_
_chem_comp_atom.comp_id 
_chem_comp_atom.atom_id 
_chem_comp_atom.type_symbol 
_chem_comp_atom.pdbx_aromatic_flag 
_chem_comp_atom.pdbx_stereo_config 
_chem_comp_atom.pdbx_ordinal 
DA OP3    O  N N 1   
DA P      P  N N 2   
DA OP1    O  N N 3   
DA OP2    O  N N 4   
DA "O5'"  O  N N 5   
DA "C5'"  C  N N 6   
DA "C4'"  C  N R 7   
DA "O4'"  O  N N 8   
DA "C3'"  C  N S 9   
DA "O3'"  O  N N 10  
DA "C2'"  C  N N 11  
DA "C1'"  C  N R 12  
DA N9     N  Y N 13  
DA C8     C  Y N 14  
DA N7     N  Y N 15  
DA C5     C  Y N 16  
DA C6     C  Y N 17  
DA N6     N  N N 18  
DA N1     N  Y N 19  
DA C2     C  Y N 20  
DA N3     N  Y N 21  
DA C4     C  Y N 22  
DA HOP3   H  N N 23  
DA HOP2   H  N N 24  
DA "H5'"  H  N N 25  
DA "H5''" H  N N 26  
DA "H4'"  H  N N 27  
DA "H3'"  H  N N 28  
DA "HO3'" H  N N 29  
DA "H2'"  H  N N 30  
DA "H2''" H  N N 31  
DA "H1'"  H  N N 32  
DA H8     H  N N 33  
DA H61    H  N N 34  
DA H62    H  N N 35  
DA H2     H  N N 36  
DC OP3    O  N N 37  
DC P      P  N N 38  
DC OP1    O  N N 39  
DC OP2    O  N N 40  
DC "O5'"  O  N N 41  
DC "C5'"  C  N N 42  
DC "C4'"  C  N R 43  
DC "O4'"  O  N N 44  
DC "C3'"  C  N S 45  
DC "O3'"  O  N N 46  
DC "C2'"  C  N N 47  
DC "C1'"  C  N R 48  
DC N1     N  N N 49  
DC C2     C  N N 50  
DC O2     O  N N 51  
DC N3     N  N N 52  
DC C4     C  N N 53  
DC N4     N  N N 54  
DC C5     C  N N 55  
DC C6     C  N N 56  
DC HOP3   H  N N 57  
DC HOP2   H  N N 58  
DC "H5'"  H  N N 59  
DC "H5''" H  N N 60  
DC "H4'"  H  N N 61  
DC "H3'"  H  N N 62  
DC "HO3'" H  N N 63  
DC "H2'"  H  N N 64  
DC "H2''" H  N N 65  
DC "H1'"  H  N N 66  
DC H41    H  N N 67  
DC H42    H  N N 68  
DC H5     H  N N 69  
DC H6     H  N N 70  
DG OP3    O  N N 71  
DG P      P  N N 72  
DG OP1    O  N N 73  
DG OP2    O  N N 74  
DG "O5'"  O  N N 75  
DG "C5'"  C  N N 76  
DG "C4'"  C  N R 77  
DG "O4'"  O  N N 78  
DG "C3'"  C  N S 79  
DG "O3'"  O  N N 80  
DG "C2'"  C  N N 81  
DG "C1'"  C  N R 82  
DG N9     N  Y N 83  
DG C8     C  Y N 84  
DG N7     N  Y N 85  
DG C5     C  Y N 86  
DG C6     C  N N 87  
DG O6     O  N N 88  
DG N1     N  N N 89  
DG C2     C  N N 90  
DG N2     N  N N 91  
DG N3     N  N N 92  
DG C4     C  Y N 93  
DG HOP3   H  N N 94  
DG HOP2   H  N N 95  
DG "H5'"  H  N N 96  
DG "H5''" H  N N 97  
DG "H4'"  H  N N 98  
DG "H3'"  H  N N 99  
DG "HO3'" H  N N 100 
DG "H2'"  H  N N 101 
DG "H2''" H  N N 102 
DG "H1'"  H  N N 103 
DG H8     H  N N 104 
DG H1     H  N N 105 
DG H21    H  N N 106 
DG H22    H  N N 107 
DT OP3    O  N N 108 
DT P      P  N N 109 
DT OP1    O  N N 110 
DT OP2    O  N N 111 
DT "O5'"  O  N N 112 
DT "C5'"  C  N N 113 
DT "C4'"  C  N R 114 
DT "O4'"  O  N N 115 
DT "C3'"  C  N S 116 
DT "O3'"  O  N N 117 
DT "C2'"  C  N N 118 
DT "C1'"  C  N R 119 
DT N1     N  N N 120 
DT C2     C  N N 121 
DT O2     O  N N 122 
DT N3     N  N N 123 
DT C4     C  N N 124 
DT O4     O  N N 125 
DT C5     C  N N 126 
DT C7     C  N N 127 
DT C6     C  N N 128 
DT HOP3   H  N N 129 
DT HOP2   H  N N 130 
DT "H5'"  H  N N 131 
DT "H5''" H  N N 132 
DT "H4'"  H  N N 133 
DT "H3'"  H  N N 134 
DT "HO3'" H  N N 135 
DT "H2'"  H  N N 136 
DT "H2''" H  N N 137 
DT "H1'"  H  N N 138 
DT H3     H  N N 139 
DT H71    H  N N 140 
DT H72    H  N N 141 
DT H73    H  N N 142 
DT H6     H  N N 143 
SR SR     SR N N 144 
# 
loop_
_chem_comp_bond.comp_id 
_chem_comp_bond.atom_id_1 
_chem_comp_bond.atom_id_2 
_chem_comp_bond.value_order 
_chem_comp_bond.pdbx_aromatic_flag 
_chem_comp_bond.pdbx_stereo_config 
_chem_comp_bond.pdbx_ordinal 
DA OP3   P      sing N N 1   
DA OP3   HOP3   sing N N 2   
DA P     OP1    doub N N 3   
DA P     OP2    sing N N 4   
DA P     "O5'"  sing N N 5   
DA OP2   HOP2   sing N N 6   
DA "O5'" "C5'"  sing N N 7   
DA "C5'" "C4'"  sing N N 8   
DA "C5'" "H5'"  sing N N 9   
DA "C5'" "H5''" sing N N 10  
DA "C4'" "O4'"  sing N N 11  
DA "C4'" "C3'"  sing N N 12  
DA "C4'" "H4'"  sing N N 13  
DA "O4'" "C1'"  sing N N 14  
DA "C3'" "O3'"  sing N N 15  
DA "C3'" "C2'"  sing N N 16  
DA "C3'" "H3'"  sing N N 17  
DA "O3'" "HO3'" sing N N 18  
DA "C2'" "C1'"  sing N N 19  
DA "C2'" "H2'"  sing N N 20  
DA "C2'" "H2''" sing N N 21  
DA "C1'" N9     sing N N 22  
DA "C1'" "H1'"  sing N N 23  
DA N9    C8     sing Y N 24  
DA N9    C4     sing Y N 25  
DA C8    N7     doub Y N 26  
DA C8    H8     sing N N 27  
DA N7    C5     sing Y N 28  
DA C5    C6     sing Y N 29  
DA C5    C4     doub Y N 30  
DA C6    N6     sing N N 31  
DA C6    N1     doub Y N 32  
DA N6    H61    sing N N 33  
DA N6    H62    sing N N 34  
DA N1    C2     sing Y N 35  
DA C2    N3     doub Y N 36  
DA C2    H2     sing N N 37  
DA N3    C4     sing Y N 38  
DC OP3   P      sing N N 39  
DC OP3   HOP3   sing N N 40  
DC P     OP1    doub N N 41  
DC P     OP2    sing N N 42  
DC P     "O5'"  sing N N 43  
DC OP2   HOP2   sing N N 44  
DC "O5'" "C5'"  sing N N 45  
DC "C5'" "C4'"  sing N N 46  
DC "C5'" "H5'"  sing N N 47  
DC "C5'" "H5''" sing N N 48  
DC "C4'" "O4'"  sing N N 49  
DC "C4'" "C3'"  sing N N 50  
DC "C4'" "H4'"  sing N N 51  
DC "O4'" "C1'"  sing N N 52  
DC "C3'" "O3'"  sing N N 53  
DC "C3'" "C2'"  sing N N 54  
DC "C3'" "H3'"  sing N N 55  
DC "O3'" "HO3'" sing N N 56  
DC "C2'" "C1'"  sing N N 57  
DC "C2'" "H2'"  sing N N 58  
DC "C2'" "H2''" sing N N 59  
DC "C1'" N1     sing N N 60  
DC "C1'" "H1'"  sing N N 61  
DC N1    C2     sing N N 62  
DC N1    C6     sing N N 63  
DC C2    O2     doub N N 64  
DC C2    N3     sing N N 65  
DC N3    C4     doub N N 66  
DC C4    N4     sing N N 67  
DC C4    C5     sing N N 68  
DC N4    H41    sing N N 69  
DC N4    H42    sing N N 70  
DC C5    C6     doub N N 71  
DC C5    H5     sing N N 72  
DC C6    H6     sing N N 73  
DG OP3   P      sing N N 74  
DG OP3   HOP3   sing N N 75  
DG P     OP1    doub N N 76  
DG P     OP2    sing N N 77  
DG P     "O5'"  sing N N 78  
DG OP2   HOP2   sing N N 79  
DG "O5'" "C5'"  sing N N 80  
DG "C5'" "C4'"  sing N N 81  
DG "C5'" "H5'"  sing N N 82  
DG "C5'" "H5''" sing N N 83  
DG "C4'" "O4'"  sing N N 84  
DG "C4'" "C3'"  sing N N 85  
DG "C4'" "H4'"  sing N N 86  
DG "O4'" "C1'"  sing N N 87  
DG "C3'" "O3'"  sing N N 88  
DG "C3'" "C2'"  sing N N 89  
DG "C3'" "H3'"  sing N N 90  
DG "O3'" "HO3'" sing N N 91  
DG "C2'" "C1'"  sing N N 92  
DG "C2'" "H2'"  sing N N 93  
DG "C2'" "H2''" sing N N 94  
DG "C1'" N9     sing N N 95  
DG "C1'" "H1'"  sing N N 96  
DG N9    C8     sing Y N 97  
DG N9    C4     sing Y N 98  
DG C8    N7     doub Y N 99  
DG C8    H8     sing N N 100 
DG N7    C5     sing Y N 101 
DG C5    C6     sing N N 102 
DG C5    C4     doub Y N 103 
DG C6    O6     doub N N 104 
DG C6    N1     sing N N 105 
DG N1    C2     sing N N 106 
DG N1    H1     sing N N 107 
DG C2    N2     sing N N 108 
DG C2    N3     doub N N 109 
DG N2    H21    sing N N 110 
DG N2    H22    sing N N 111 
DG N3    C4     sing N N 112 
DT OP3   P      sing N N 113 
DT OP3   HOP3   sing N N 114 
DT P     OP1    doub N N 115 
DT P     OP2    sing N N 116 
DT P     "O5'"  sing N N 117 
DT OP2   HOP2   sing N N 118 
DT "O5'" "C5'"  sing N N 119 
DT "C5'" "C4'"  sing N N 120 
DT "C5'" "H5'"  sing N N 121 
DT "C5'" "H5''" sing N N 122 
DT "C4'" "O4'"  sing N N 123 
DT "C4'" "C3'"  sing N N 124 
DT "C4'" "H4'"  sing N N 125 
DT "O4'" "C1'"  sing N N 126 
DT "C3'" "O3'"  sing N N 127 
DT "C3'" "C2'"  sing N N 128 
DT "C3'" "H3'"  sing N N 129 
DT "O3'" "HO3'" sing N N 130 
DT "C2'" "C1'"  sing N N 131 
DT "C2'" "H2'"  sing N N 132 
DT "C2'" "H2''" sing N N 133 
DT "C1'" N1     sing N N 134 
DT "C1'" "H1'"  sing N N 135 
DT N1    C2     sing N N 136 
DT N1    C6     sing N N 137 
DT C2    O2     doub N N 138 
DT C2    N3     sing N N 139 
DT N3    C4     sing N N 140 
DT N3    H3     sing N N 141 
DT C4    O4     doub N N 142 
DT C4    C5     sing N N 143 
DT C5    C7     sing N N 144 
DT C5    C6     doub N N 145 
DT C7    H71    sing N N 146 
DT C7    H72    sing N N 147 
DT C7    H73    sing N N 148 
DT C6    H6     sing N N 149 
# 
loop_
_ndb_struct_conf_na.entry_id 
_ndb_struct_conf_na.feature 
7Z81 'double helix'         
7Z81 'a-form double helix'  
7Z81 'mismatched base pair' 
# 
loop_
_ndb_struct_na_base_pair.model_number 
_ndb_struct_na_base_pair.i_label_asym_id 
_ndb_struct_na_base_pair.i_label_comp_id 
_ndb_struct_na_base_pair.i_label_seq_id 
_ndb_struct_na_base_pair.i_symmetry 
_ndb_struct_na_base_pair.j_label_asym_id 
_ndb_struct_na_base_pair.j_label_comp_id 
_ndb_struct_na_base_pair.j_label_seq_id 
_ndb_struct_na_base_pair.j_symmetry 
_ndb_struct_na_base_pair.shear 
_ndb_struct_na_base_pair.stretch 
_ndb_struct_na_base_pair.stagger 
_ndb_struct_na_base_pair.buckle 
_ndb_struct_na_base_pair.propeller 
_ndb_struct_na_base_pair.opening 
_ndb_struct_na_base_pair.pair_number 
_ndb_struct_na_base_pair.pair_name 
_ndb_struct_na_base_pair.i_auth_asym_id 
_ndb_struct_na_base_pair.i_auth_seq_id 
_ndb_struct_na_base_pair.i_PDB_ins_code 
_ndb_struct_na_base_pair.j_auth_asym_id 
_ndb_struct_na_base_pair.j_auth_seq_id 
_ndb_struct_na_base_pair.j_PDB_ins_code 
_ndb_struct_na_base_pair.hbond_type_28 
_ndb_struct_na_base_pair.hbond_type_12 
1 A DG 1  1_555 A DC 18 7_465 0.480  -0.069 -0.217 -10.382 -5.571  -9.875 1  A_DG1:DC18_A A 1  ? A 18 ? 19 1 
1 A DG 2  1_555 A DC 17 7_465 -0.287 -0.196 0.511  6.072   -10.784 2.363  2  A_DG2:DC17_A A 2  ? A 17 ? 19 1 
1 A DT 3  1_555 A DA 16 7_465 -0.151 -0.060 0.696  1.062   -15.118 -0.348 3  A_DT3:DA16_A A 3  ? A 16 ? 20 1 
1 A DG 4  1_555 A DC 15 7_465 -0.464 0.004  1.018  17.185  -15.297 5.005  4  A_DG4:DC15_A A 4  ? A 15 ? 19 1 
1 A DG 5  1_555 A DC 14 7_465 -0.066 -0.272 0.447  0.608   -9.375  3.948  5  A_DG5:DC14_A A 5  ? A 14 ? 19 1 
1 A DG 6  1_555 A DC 13 7_465 -0.120 0.288  -0.100 -16.530 -9.751  13.597 6  A_DG6:DC13_A A 6  ? A 13 ? 19 1 
1 A DG 7  1_555 A DC 12 7_465 1.006  -0.021 0.070  -15.079 -9.197  0.167  7  A_DG7:DC12_A A 7  ? A 12 ? 19 1 
1 A DC 8  1_555 A DG 11 7_465 -0.681 0.070  0.169  -7.157  -18.989 14.316 8  A_DC8:DG11_A A 8  ? A 11 ? 19 1 
1 A DT 9  1_555 A DC 10 7_465 0.088  -2.088 1.066  10.319  -14.973 9.799  9  A_DT9:DC10_A A 9  ? A 10 ? 18 1 
1 A DC 10 1_555 A DT 9  7_465 -0.088 -2.088 1.066  -10.319 -14.973 9.799  10 A_DC10:DT9_A A 10 ? A 9  ? 18 1 
1 A DG 11 1_555 A DC 8  7_465 0.681  0.070  0.169  7.157   -18.989 14.316 11 A_DG11:DC8_A A 11 ? A 8  ? 19 1 
1 A DC 12 1_555 A DG 7  7_465 -1.006 -0.021 0.070  15.079  -9.197  0.167  12 A_DC12:DG7_A A 12 ? A 7  ? 19 1 
1 A DC 13 1_555 A DG 6  7_465 0.120  0.288  -0.100 16.530  -9.751  13.597 13 A_DC13:DG6_A A 13 ? A 6  ? 19 1 
1 A DC 14 1_555 A DG 5  7_465 0.066  -0.272 0.447  -0.608  -9.375  3.948  14 A_DC14:DG5_A A 14 ? A 5  ? 19 1 
1 A DC 15 1_555 A DG 4  7_465 0.464  0.004  1.018  -17.185 -15.297 5.005  15 A_DC15:DG4_A A 15 ? A 4  ? 19 1 
1 A DA 16 1_555 A DT 3  7_465 0.151  -0.060 0.696  -1.062  -15.118 -0.348 16 A_DA16:DT3_A A 16 ? A 3  ? 20 1 
1 A DC 17 1_555 A DG 2  7_465 0.287  -0.196 0.511  -6.072  -10.784 2.363  17 A_DC17:DG2_A A 17 ? A 2  ? 19 1 
1 A DC 18 1_555 A DG 1  7_465 -0.480 -0.069 -0.217 10.382  -5.571  -9.875 18 A_DC18:DG1_A A 18 ? A 1  ? 19 1 
# 
loop_
_ndb_struct_na_base_pair_step.model_number 
_ndb_struct_na_base_pair_step.i_label_asym_id_1 
_ndb_struct_na_base_pair_step.i_label_comp_id_1 
_ndb_struct_na_base_pair_step.i_label_seq_id_1 
_ndb_struct_na_base_pair_step.i_symmetry_1 
_ndb_struct_na_base_pair_step.j_label_asym_id_1 
_ndb_struct_na_base_pair_step.j_label_comp_id_1 
_ndb_struct_na_base_pair_step.j_label_seq_id_1 
_ndb_struct_na_base_pair_step.j_symmetry_1 
_ndb_struct_na_base_pair_step.i_label_asym_id_2 
_ndb_struct_na_base_pair_step.i_label_comp_id_2 
_ndb_struct_na_base_pair_step.i_label_seq_id_2 
_ndb_struct_na_base_pair_step.i_symmetry_2 
_ndb_struct_na_base_pair_step.j_label_asym_id_2 
_ndb_struct_na_base_pair_step.j_label_comp_id_2 
_ndb_struct_na_base_pair_step.j_label_seq_id_2 
_ndb_struct_na_base_pair_step.j_symmetry_2 
_ndb_struct_na_base_pair_step.shift 
_ndb_struct_na_base_pair_step.slide 
_ndb_struct_na_base_pair_step.rise 
_ndb_struct_na_base_pair_step.tilt 
_ndb_struct_na_base_pair_step.roll 
_ndb_struct_na_base_pair_step.twist 
_ndb_struct_na_base_pair_step.x_displacement 
_ndb_struct_na_base_pair_step.y_displacement 
_ndb_struct_na_base_pair_step.helical_rise 
_ndb_struct_na_base_pair_step.inclination 
_ndb_struct_na_base_pair_step.tip 
_ndb_struct_na_base_pair_step.helical_twist 
_ndb_struct_na_base_pair_step.step_number 
_ndb_struct_na_base_pair_step.step_name 
_ndb_struct_na_base_pair_step.i_auth_asym_id_1 
_ndb_struct_na_base_pair_step.i_auth_seq_id_1 
_ndb_struct_na_base_pair_step.i_PDB_ins_code_1 
_ndb_struct_na_base_pair_step.j_auth_asym_id_1 
_ndb_struct_na_base_pair_step.j_auth_seq_id_1 
_ndb_struct_na_base_pair_step.j_PDB_ins_code_1 
_ndb_struct_na_base_pair_step.i_auth_asym_id_2 
_ndb_struct_na_base_pair_step.i_auth_seq_id_2 
_ndb_struct_na_base_pair_step.i_PDB_ins_code_2 
_ndb_struct_na_base_pair_step.j_auth_asym_id_2 
_ndb_struct_na_base_pair_step.j_auth_seq_id_2 
_ndb_struct_na_base_pair_step.j_PDB_ins_code_2 
1 A DG 1  1_555 A DC 18 7_465 A DG 2  1_555 A DC 17 7_465 0.860  -1.229 2.817 -3.788  2.730  27.895 -3.040 -2.486 2.551 5.613  
7.788   28.275 1  AA_DG1DG2:DC17DC18_AA A 1  ? A 18 ? A 2  ? A 17 ? 
1 A DG 2  1_555 A DC 17 7_465 A DT 3  1_555 A DA 16 7_465 0.093  -1.624 3.430 1.035   0.534  35.467 -2.746 0.005  3.407 0.876  
-1.698  35.485 2  AA_DG2DT3:DA16DC17_AA A 2  ? A 17 ? A 3  ? A 16 ? 
1 A DT 3  1_555 A DA 16 7_465 A DG 4  1_555 A DC 15 7_465 0.255  -1.692 2.564 -0.841  5.948  25.466 -4.910 -0.728 2.112 13.260 
1.874   26.153 3  AA_DT3DG4:DC15DA16_AA A 3  ? A 16 ? A 4  ? A 15 ? 
1 A DG 4  1_555 A DC 15 7_465 A DG 5  1_555 A DC 14 7_465 -0.217 -1.599 3.539 0.803   7.171  34.219 -3.782 0.487  3.144 12.022 
-1.347  34.949 4  AA_DG4DG5:DC14DC15_AA A 4  ? A 15 ? A 5  ? A 14 ? 
1 A DG 5  1_555 A DC 14 7_465 A DG 6  1_555 A DC 13 7_465 1.041  -1.767 3.562 5.111   4.836  33.897 -3.773 -0.902 3.402 8.186  
-8.651  34.599 5  AA_DG5DG6:DC13DC14_AA A 5  ? A 14 ? A 6  ? A 13 ? 
1 A DG 6  1_555 A DC 13 7_465 A DG 7  1_555 A DC 12 7_465 -0.305 -2.184 3.004 3.005   5.296  34.448 -4.326 0.900  2.614 8.857  
-5.025  34.966 6  AA_DG6DG7:DC12DC13_AA A 6  ? A 13 ? A 7  ? A 12 ? 
1 A DG 7  1_555 A DC 12 7_465 A DC 8  1_555 A DG 11 7_465 -0.229 -1.165 2.968 2.311   11.746 17.433 -7.095 1.396  1.786 34.026 
-6.695  21.121 7  AA_DG7DC8:DG11DC12_AA A 7  ? A 12 ? A 8  ? A 11 ? 
1 A DC 8  1_555 A DG 11 7_465 A DT 9  1_555 A DC 10 7_465 -1.203 -0.626 3.159 -16.040 3.233  32.430 -1.483 -0.424 3.302 5.382  
26.705  36.225 8  AA_DC8DT9:DC10DG11_AA A 8  ? A 11 ? A 9  ? A 10 ? 
1 A DT 9  1_555 A DC 10 7_465 A DC 10 1_555 A DT 9  7_465 0.000  -0.986 4.078 0.000   5.995  44.283 -1.970 0.000  3.919 7.910  
0.000   44.666 9  AA_DT9DC10:DT9DC10_AA A 9  ? A 10 ? A 10 ? A 9  ? 
1 A DC 10 1_555 A DT 9  7_465 A DG 11 1_555 A DC 8  7_465 1.203  -0.626 3.159 16.040  3.233  32.430 -1.483 0.424  3.302 5.382  
-26.705 36.225 10 AA_DC10DG11:DC8DT9_AA A 10 ? A 9  ? A 11 ? A 8  ? 
1 A DG 11 1_555 A DC 8  7_465 A DC 12 1_555 A DG 7  7_465 0.229  -1.165 2.968 -2.311  11.746 17.433 -7.095 -1.396 1.786 34.026 
6.695   21.121 11 AA_DG11DC12:DG7DC8_AA A 11 ? A 8  ? A 12 ? A 7  ? 
1 A DC 12 1_555 A DG 7  7_465 A DC 13 1_555 A DG 6  7_465 0.305  -2.184 3.004 -3.005  5.296  34.448 -4.326 -0.900 2.614 8.857  
5.025   34.966 12 AA_DC12DC13:DG6DG7_AA A 12 ? A 7  ? A 13 ? A 6  ? 
1 A DC 13 1_555 A DG 6  7_465 A DC 14 1_555 A DG 5  7_465 -1.041 -1.767 3.562 -5.111  4.836  33.897 -3.773 0.902  3.402 8.186  
8.651   34.599 13 AA_DC13DC14:DG5DG6_AA A 13 ? A 6  ? A 14 ? A 5  ? 
1 A DC 14 1_555 A DG 5  7_465 A DC 15 1_555 A DG 4  7_465 0.217  -1.599 3.539 -0.803  7.171  34.219 -3.782 -0.487 3.144 12.022 
1.347   34.949 14 AA_DC14DC15:DG4DG5_AA A 14 ? A 5  ? A 15 ? A 4  ? 
1 A DC 15 1_555 A DG 4  7_465 A DA 16 1_555 A DT 3  7_465 -0.255 -1.692 2.564 0.841   5.948  25.466 -4.910 0.728  2.112 13.260 
-1.874  26.153 15 AA_DC15DA16:DT3DG4_AA A 15 ? A 4  ? A 16 ? A 3  ? 
1 A DA 16 1_555 A DT 3  7_465 A DC 17 1_555 A DG 2  7_465 -0.093 -1.624 3.430 -1.035  0.534  35.467 -2.746 -0.005 3.407 0.876  
1.698   35.485 16 AA_DA16DC17:DG2DT3_AA A 16 ? A 3  ? A 17 ? A 2  ? 
1 A DC 17 1_555 A DG 2  7_465 A DC 18 1_555 A DG 1  7_465 -0.860 -1.229 2.817 3.788   2.730  27.895 -3.040 2.486  2.551 5.613  
-7.788  28.275 17 AA_DC17DC18:DG1DG2_AA A 17 ? A 2  ? A 18 ? A 1  ? 
# 
loop_
_pdbx_audit_support.funding_organization 
_pdbx_audit_support.country 
_pdbx_audit_support.grant_number 
_pdbx_audit_support.ordinal 
'Czech Academy of Sciences'                                     'Czech Republic' 'RVO 86652036' 1 
'Ministry of Education, Youth and Sports of the Czech Republic' 'Czech Republic' LTAUSA18197    2 
# 
_pdbx_initial_refinement_model.id               1 
_pdbx_initial_refinement_model.entity_id_list   ? 
_pdbx_initial_refinement_model.type             'experimental model' 
_pdbx_initial_refinement_model.source_name      PDB 
_pdbx_initial_refinement_model.accession_code   6ROS 
_pdbx_initial_refinement_model.details          ? 
# 
_space_group.name_H-M_alt     'P 43 21 2' 
_space_group.name_Hall        'P 4nw 2abw' 
_space_group.IT_number        96 
_space_group.crystal_system   tetragonal 
_space_group.id               1 
# 
_atom_sites.entry_id                    7Z81 
_atom_sites.Cartn_transf_matrix[1][1]   ? 
_atom_sites.Cartn_transf_matrix[1][2]   ? 
_atom_sites.Cartn_transf_matrix[1][3]   ? 
_atom_sites.Cartn_transf_matrix[2][1]   ? 
_atom_sites.Cartn_transf_matrix[2][2]   ? 
_atom_sites.Cartn_transf_matrix[2][3]   ? 
_atom_sites.Cartn_transf_matrix[3][1]   ? 
_atom_sites.Cartn_transf_matrix[3][2]   ? 
_atom_sites.Cartn_transf_matrix[3][3]   ? 
_atom_sites.Cartn_transf_vector[1]      ? 
_atom_sites.Cartn_transf_vector[2]      ? 
_atom_sites.Cartn_transf_vector[3]      ? 
_atom_sites.fract_transf_matrix[1][1]   -0.00718160 
_atom_sites.fract_transf_matrix[1][2]   -0.02291148 
_atom_sites.fract_transf_matrix[1][3]   0.01043712 
_atom_sites.fract_transf_matrix[2][1]   0.01393042 
_atom_sites.fract_transf_matrix[2][2]   0.00542459 
_atom_sites.fract_transf_matrix[2][3]   0.02149330 
_atom_sites.fract_transf_matrix[3][1]   -0.00906283 
_atom_sites.fract_transf_matrix[3][2]   0.00494769 
_atom_sites.fract_transf_matrix[3][3]   0.00462515 
_atom_sites.fract_transf_vector[1]      -0.578732 
_atom_sites.fract_transf_vector[2]      0.420275 
_atom_sites.fract_transf_vector[3]      0.017997 
_atom_sites.solution_primary            ? 
_atom_sites.solution_secondary          ? 
_atom_sites.solution_hydrogens          ? 
_atom_sites.special_details             ? 
# 
loop_
_atom_type.symbol 
_atom_type.scat_dispersion_real 
_atom_type.scat_dispersion_imag 
_atom_type.scat_Cromer_Mann_a1 
_atom_type.scat_Cromer_Mann_a2 
_atom_type.scat_Cromer_Mann_a3 
_atom_type.scat_Cromer_Mann_a4 
_atom_type.scat_Cromer_Mann_b1 
_atom_type.scat_Cromer_Mann_b2 
_atom_type.scat_Cromer_Mann_b3 
_atom_type.scat_Cromer_Mann_b4 
_atom_type.scat_Cromer_Mann_c 
_atom_type.scat_source 
_atom_type.scat_dispersion_source 
C  ? ? 3.54356  2.42580 ? ? 25.62398 1.50364  ? ? 0.0 
;2-Gaussian fit: Grosse-Kunstleve RW, Sauter NK, Adams PD: Newsletter of the IUCr Commission on Crystallographic Computing 2004, 3, 22-31.
;
? 
N  ? ? 4.01032  2.96436 ? ? 19.97189 1.75589  ? ? 0.0 
;2-Gaussian fit: Grosse-Kunstleve RW, Sauter NK, Adams PD: Newsletter of the IUCr Commission on Crystallographic Computing 2004, 3, 22-31.
;
? 
O  ? ? 7.96527  ?       ? ? 9.05267  ?        ? ? 0.0 
;1-Gaussian fit: Grosse-Kunstleve RW, Sauter NK, Adams PD: Newsletter of the IUCr Commission on Crystallographic Computing 2004, 3, 22-31.
;
? 
P  ? ? 9.51135  5.44231 ? ? 1.42069  35.72801 ? ? 0.0 
;2-Gaussian fit: Grosse-Kunstleve RW, Sauter NK, Adams PD: Newsletter of the IUCr Commission on Crystallographic Computing 2004, 3, 22-31.
;
? 
SR ? ? 32.18652 5.63919 ? ? 2.35430  57.90393 ? ? 0.0 
;2-Gaussian fit: Grosse-Kunstleve RW, Sauter NK, Adams PD: Newsletter of the IUCr Commission on Crystallographic Computing 2004, 3, 22-31.
;
? 
# 
loop_
_atom_site.group_PDB 
_atom_site.id 
_atom_site.type_symbol 
_atom_site.label_atom_id 
_atom_site.label_alt_id 
_atom_site.label_comp_id 
_atom_site.label_asym_id 
_atom_site.label_entity_id 
_atom_site.label_seq_id 
_atom_site.pdbx_PDB_ins_code 
_atom_site.Cartn_x 
_atom_site.Cartn_y 
_atom_site.Cartn_z 
_atom_site.occupancy 
_atom_site.B_iso_or_equiv 
_atom_site.pdbx_formal_charge 
_atom_site.auth_seq_id 
_atom_site.auth_comp_id 
_atom_site.auth_asym_id 
_atom_site.auth_atom_id 
_atom_site.pdbx_PDB_model_num 
ATOM   1   O  "O5'" . DG A 1 1  ? -2.33103  -16.64976 -17.96809 1.000 92.85084  ? 1   DG A "O5'" 1 
ATOM   2   C  "C5'" . DG A 1 1  ? -2.27928  -18.05239 -18.16186 1.000 85.13924  ? 1   DG A "C5'" 1 
ATOM   3   C  "C4'" . DG A 1 1  ? -3.50845  -18.69991 -17.57431 1.000 85.98245  ? 1   DG A "C4'" 1 
ATOM   4   O  "O4'" . DG A 1 1  ? -3.29673  -20.13134 -17.52356 1.000 88.04379  ? 1   DG A "O4'" 1 
ATOM   5   C  "C3'" . DG A 1 1  ? -3.82113  -18.27175 -16.14630 1.000 87.92758  ? 1   DG A "C3'" 1 
ATOM   6   O  "O3'" . DG A 1 1  ? -4.77209  -17.19816 -16.15161 1.000 87.72728  ? 1   DG A "O3'" 1 
ATOM   7   C  "C2'" . DG A 1 1  ? -4.42060  -19.54562 -15.55750 1.000 89.69598  ? 1   DG A "C2'" 1 
ATOM   8   C  "C1'" . DG A 1 1  ? -3.55533  -20.60841 -16.22158 1.000 89.93821  ? 1   DG A "C1'" 1 
ATOM   9   N  N9    . DG A 1 1  ? -2.27678  -20.81511 -15.54861 1.000 86.46788  ? 1   DG A N9    1 
ATOM   10  C  C8    . DG A 1 1  ? -1.05157  -20.33351 -15.93887 1.000 86.02836  ? 1   DG A C8    1 
ATOM   11  N  N7    . DG A 1 1  ? -0.07989  -20.68250 -15.14664 1.000 90.04160  ? 1   DG A N7    1 
ATOM   12  C  C5    . DG A 1 1  ? -0.69561  -21.46085 -14.17404 1.000 90.66528  ? 1   DG A C5    1 
ATOM   13  C  C6    . DG A 1 1  ? -0.14288  -22.11850 -13.04483 1.000 93.29782  ? 1   DG A C6    1 
ATOM   14  O  O6    . DG A 1 1  ? 1.04538   -22.15251 -12.67462 1.000 92.81009  ? 1   DG A O6    1 
ATOM   15  N  N1    . DG A 1 1  ? -1.11993  -22.79711 -12.31643 1.000 89.92557  ? 1   DG A N1    1 
ATOM   16  C  C2    . DG A 1 1  ? -2.45336  -22.83385 -12.63736 1.000 86.88288  ? 1   DG A C2    1 
ATOM   17  N  N2    . DG A 1 1  ? -3.23720  -23.53942 -11.81464 1.000 86.49807  ? 1   DG A N2    1 
ATOM   18  N  N3    . DG A 1 1  ? -2.98369  -22.22031 -13.68887 1.000 84.61154  ? 1   DG A N3    1 
ATOM   19  C  C4    . DG A 1 1  ? -2.04876  -21.55501 -14.40930 1.000 86.77287  ? 1   DG A C4    1 
ATOM   20  P  P     . DG A 1 2  ? -4.79896  -16.14642 -14.93720 1.000 86.02179  ? 2   DG A P     1 
ATOM   21  O  OP1   . DG A 1 2  ? -5.95324  -15.24925 -15.14743 1.000 87.72435  ? 2   DG A OP1   1 
ATOM   22  O  OP2   . DG A 1 2  ? -3.44807  -15.55420 -14.84987 1.000 92.80568  ? 2   DG A OP2   1 
ATOM   23  O  "O5'" . DG A 1 2  ? -5.08647  -17.04478 -13.64775 1.000 82.83638  ? 2   DG A "O5'" 1 
ATOM   24  C  "C5'" . DG A 1 2  ? -6.40399  -17.24273 -13.23080 1.000 84.16600  ? 2   DG A "C5'" 1 
ATOM   25  C  "C4'" . DG A 1 2  ? -6.50801  -18.30508 -12.14932 1.000 87.39359  ? 2   DG A "C4'" 1 
ATOM   26  O  "O4'" . DG A 1 2  ? -5.63303  -19.41191 -12.46626 1.000 92.90066  ? 2   DG A "O4'" 1 
ATOM   27  C  "C3'" . DG A 1 2  ? -6.08365  -17.87244 -10.75829 1.000 89.81910  ? 2   DG A "C3'" 1 
ATOM   28  O  "O3'" . DG A 1 2  ? -7.16372  -17.26313 -10.10542 1.000 93.64642  ? 2   DG A "O3'" 1 
ATOM   29  C  "C2'" . DG A 1 2  ? -5.71654  -19.20407 -10.11515 1.000 90.89738  ? 2   DG A "C2'" 1 
ATOM   30  C  "C1'" . DG A 1 2  ? -5.03275  -19.91369 -11.27766 1.000 94.18122  ? 2   DG A "C1'" 1 
ATOM   31  N  N9    . DG A 1 2  ? -3.58821  -19.66447 -11.32836 1.000 94.20137  ? 2   DG A N9    1 
ATOM   32  C  C8    . DG A 1 2  ? -2.91206  -18.84658 -12.20518 1.000 91.49290  ? 2   DG A C8    1 
ATOM   33  N  N7    . DG A 1 2  ? -1.62273  -18.82339 -12.00537 1.000 91.43034  ? 2   DG A N7    1 
ATOM   34  C  C5    . DG A 1 2  ? -1.42951  -19.68822 -10.93465 1.000 91.68892  ? 2   DG A C5    1 
ATOM   35  C  C6    . DG A 1 2  ? -0.23921  -20.06705 -10.27486 1.000 91.97082  ? 2   DG A C6    1 
ATOM   36  O  O6    . DG A 1 2  ? 0.92430   -19.70103 -10.51545 1.000 93.84084  ? 2   DG A O6    1 
ATOM   37  N  N1    . DG A 1 2  ? -0.49197  -20.96731 -9.24174  1.000 90.13066  ? 2   DG A N1    1 
ATOM   38  C  C2    . DG A 1 2  ? -1.73526  -21.43626 -8.89275  1.000 89.64436  ? 2   DG A C2    1 
ATOM   39  N  N2    . DG A 1 2  ? -1.78157  -22.29522 -7.86899  1.000 93.74767  ? 2   DG A N2    1 
ATOM   40  N  N3    . DG A 1 2  ? -2.85472  -21.08715 -9.49924  1.000 90.76572  ? 2   DG A N3    1 
ATOM   41  C  C4    . DG A 1 2  ? -2.62824  -20.21488 -10.50850 1.000 91.40125  ? 2   DG A C4    1 
ATOM   42  P  P     . DT A 1 3  ? -6.90736  -16.07429 -9.05755  1.000 91.37747  ? 3   DT A P     1 
ATOM   43  O  OP1   . DT A 1 3  ? -8.22438  -15.51847 -8.67649  1.000 98.50882  ? 3   DT A OP1   1 
ATOM   44  O  OP2   . DT A 1 3  ? -5.87894  -15.18624 -9.65850  1.000 78.18659  ? 3   DT A OP2   1 
ATOM   45  O  "O5'" . DT A 1 3  ? -6.28613  -16.81611 -7.77609  1.000 93.32831  ? 3   DT A "O5'" 1 
ATOM   46  C  "C5'" . DT A 1 3  ? -7.07032  -17.82463 -7.10524  1.000 90.56029  ? 3   DT A "C5'" 1 
ATOM   47  C  "C4'" . DT A 1 3  ? -6.23842  -18.61831 -6.11198  1.000 93.33570  ? 3   DT A "C4'" 1 
ATOM   48  O  "O4'" . DT A 1 3  ? -5.17992  -19.31600 -6.80580  1.000 95.35738  ? 3   DT A "O4'" 1 
ATOM   49  C  "C3'" . DT A 1 3  ? -5.51301  -17.77836 -5.08017  1.000 96.41147  ? 3   DT A "C3'" 1 
ATOM   50  O  "O3'" . DT A 1 3  ? -6.36507  -17.47023 -3.98577  1.000 97.35052  ? 3   DT A "O3'" 1 
ATOM   51  C  "C2'" . DT A 1 3  ? -4.40083  -18.72607 -4.64894  1.000 95.79003  ? 3   DT A "C2'" 1 
ATOM   52  C  "C1'" . DT A 1 3  ? -4.03306  -19.38715 -5.97132  1.000 93.38252  ? 3   DT A "C1'" 1 
ATOM   53  N  N1    . DT A 1 3  ? -2.92386  -18.69431 -6.64954  1.000 93.21335  ? 3   DT A N1    1 
ATOM   54  C  C2    . DT A 1 3  ? -1.64463  -18.92762 -6.22708  1.000 95.45838  ? 3   DT A C2    1 
ATOM   55  O  O2    . DT A 1 3  ? -1.37560  -19.70031 -5.32067  1.000 97.28803  ? 3   DT A O2    1 
ATOM   56  N  N3    . DT A 1 3  ? -0.68127  -18.23309 -6.91274  1.000 94.94103  ? 3   DT A N3    1 
ATOM   57  C  C4    . DT A 1 3  ? -0.87734  -17.33685 -7.94964  1.000 95.05602  ? 3   DT A C4    1 
ATOM   58  O  O4    . DT A 1 3  ? 0.05366   -16.75873 -8.50665  1.000 98.39155  ? 3   DT A O4    1 
ATOM   59  C  C5    . DT A 1 3  ? -2.25337  -17.13069 -8.33112  1.000 90.36246  ? 3   DT A C5    1 
ATOM   60  C  C7    . DT A 1 3  ? -2.59591  -16.18578 -9.44048  1.000 91.84079  ? 3   DT A C7    1 
ATOM   61  C  C6    . DT A 1 3  ? -3.19693  -17.80834 -7.66950  1.000 90.46944  ? 3   DT A C6    1 
ATOM   62  P  P     . DG A 1 4  ? -6.23873  -16.05285 -3.24576  1.000 95.80198  ? 4   DG A P     1 
ATOM   63  O  OP1   . DG A 1 4  ? -7.40532  -15.94921 -2.34231  1.000 84.81054  ? 4   DG A OP1   1 
ATOM   64  O  OP2   . DG A 1 4  ? -5.99216  -15.00457 -4.26158  1.000 96.71375  ? 4   DG A OP2   1 
ATOM   65  O  "O5'" . DG A 1 4  ? -4.90064  -16.20410 -2.37784  1.000 98.67932  ? 4   DG A "O5'" 1 
ATOM   66  C  "C5'" . DG A 1 4  ? -4.82993  -17.10030 -1.28519  1.000 96.50829  ? 4   DG A "C5'" 1 
ATOM   67  C  "C4'" . DG A 1 4  ? -3.37988  -17.34018 -0.90832  1.000 93.45123  ? 4   DG A "C4'" 1 
ATOM   68  O  "O4'" . DG A 1 4  ? -2.63555  -17.75412 -2.07226  1.000 93.01370  ? 4   DG A "O4'" 1 
ATOM   69  C  "C3'" . DG A 1 4  ? -2.64290  -16.10045 -0.45439  1.000 94.32844  ? 4   DG A "C3'" 1 
ATOM   70  O  "O3'" . DG A 1 4  ? -2.86733  -15.84171 0.89811   1.000 94.04280  ? 4   DG A "O3'" 1 
ATOM   71  C  "C2'" . DG A 1 4  ? -1.19514  -16.52175 -0.65309  1.000 96.42524  ? 4   DG A "C2'" 1 
ATOM   72  C  "C1'" . DG A 1 4  ? -1.27301  -17.40737 -1.88426  1.000 93.94816  ? 4   DG A "C1'" 1 
ATOM   73  N  N9    . DG A 1 4  ? -0.77735  -16.71834 -3.05387  1.000 93.74710  ? 4   DG A N9    1 
ATOM   74  C  C8    . DG A 1 4  ? -1.50072  -15.99539 -3.96842  1.000 95.47823  ? 4   DG A C8    1 
ATOM   75  N  N7    . DG A 1 4  ? -0.76174  -15.46736 -4.90714  1.000 95.73742  ? 4   DG A N7    1 
ATOM   76  C  C5    . DG A 1 4  ? 0.53432   -15.85531 -4.57758  1.000 95.24155  ? 4   DG A C5    1 
ATOM   77  C  C6    . DG A 1 4  ? 1.76691   -15.58613 -5.22630  1.000 98.50844  ? 4   DG A C6    1 
ATOM   78  O  O6    . DG A 1 4  ? 1.96500   -14.92784 -6.25788  1.000 100.96911 ? 4   DG A O6    1 
ATOM   79  N  N1    . DG A 1 4  ? 2.84451   -16.17262 -4.55580  1.000 98.03506  ? 4   DG A N1    1 
ATOM   80  C  C2    . DG A 1 4  ? 2.74230   -16.92155 -3.40433  1.000 96.06843  ? 4   DG A C2    1 
ATOM   81  N  N2    . DG A 1 4  ? 3.89071   -17.40593 -2.90395  1.000 92.19049  ? 4   DG A N2    1 
ATOM   82  N  N3    . DG A 1 4  ? 1.59334   -17.17919 -2.78831  1.000 93.94138  ? 4   DG A N3    1 
ATOM   83  C  C4    . DG A 1 4  ? 0.53687   -16.61583 -3.43164  1.000 94.17044  ? 4   DG A C4    1 
ATOM   84  P  P     . DG A 1 5  ? -2.61684  -14.36119 1.46738   1.000 94.38369  ? 5   DG A P     1 
ATOM   85  O  OP1   . DG A 1 5  ? -3.19854  -14.38132 2.82516   1.000 98.19379  ? 5   DG A OP1   1 
ATOM   86  O  OP2   . DG A 1 5  ? -3.13070  -13.40171 0.46386   1.000 100.81947 ? 5   DG A OP2   1 
ATOM   87  O  "O5'" . DG A 1 5  ? -1.00487  -14.17850 1.50629   1.000 93.49492  ? 5   DG A "O5'" 1 
ATOM   88  C  "C5'" . DG A 1 5  ? -0.20112  -14.75323 2.55089   1.000 92.83479  ? 5   DG A "C5'" 1 
ATOM   89  C  "C4'" . DG A 1 5  ? 1.30139   -14.63485 2.24771   1.000 91.06087  ? 5   DG A "C4'" 1 
ATOM   90  O  "O4'" . DG A 1 5  ? 1.60688   -15.27323 0.97726   1.000 93.16994  ? 5   DG A "O4'" 1 
ATOM   91  C  "C3'" . DG A 1 5  ? 1.85796   -13.23030 2.05367   1.000 90.31127  ? 5   DG A "C3'" 1 
ATOM   92  O  "O3'" . DG A 1 5  ? 2.07479   -12.57033 3.29556   1.000 87.37480  ? 5   DG A "O3'" 1 
ATOM   93  C  "C2'" . DG A 1 5  ? 3.17597   -13.53691 1.36686   1.000 91.39689  ? 5   DG A "C2'" 1 
ATOM   94  C  "C1'" . DG A 1 5  ? 2.77119   -14.65960 0.42345   1.000 91.67089  ? 5   DG A "C1'" 1 
ATOM   95  N  N9    . DG A 1 5  ? 2.45392   -14.14570 -0.89841  1.000 92.03019  ? 5   DG A N9    1 
ATOM   96  C  C8    . DG A 1 5  ? 1.20689   -13.93239 -1.43201  1.000 96.61221  ? 5   DG A C8    1 
ATOM   97  N  N7    . DG A 1 5  ? 1.23686   -13.40656 -2.62385  1.000 97.54464  ? 5   DG A N7    1 
ATOM   98  C  C5    . DG A 1 5  ? 2.58750   -13.21429 -2.87121  1.000 95.23903  ? 5   DG A C5    1 
ATOM   99  C  C6    . DG A 1 5  ? 3.23450   -12.67228 -4.00100  1.000 98.49365  ? 5   DG A C6    1 
ATOM   100 O  O6    . DG A 1 5  ? 2.72198   -12.23475 -5.04105  1.000 100.79590 ? 5   DG A O6    1 
ATOM   101 N  N1    . DG A 1 5  ? 4.61834   -12.65754 -3.84210  1.000 98.76791  ? 5   DG A N1    1 
ATOM   102 C  C2    . DG A 1 5  ? 5.28426   -13.11482 -2.73087  1.000 95.50999  ? 5   DG A C2    1 
ATOM   103 N  N2    . DG A 1 5  ? 6.61817   -13.02210 -2.75823  1.000 96.87882  ? 5   DG A N2    1 
ATOM   104 N  N3    . DG A 1 5  ? 4.68697   -13.62584 -1.66777  1.000 91.18079  ? 5   DG A N3    1 
ATOM   105 C  C4    . DG A 1 5  ? 3.34499   -13.64593 -1.80908  1.000 91.32448  ? 5   DG A C4    1 
ATOM   106 P  P     . DG A 1 6  ? 2.15428   -10.96245 3.35283   1.000 85.27371  ? 6   DG A P     1 
ATOM   107 O  OP1   . DG A 1 6  ? 2.35042   -10.54956 4.75436   1.000 90.85607  ? 6   DG A OP1   1 
ATOM   108 O  OP2   . DG A 1 6  ? 1.01292   -10.44836 2.57512   1.000 92.93008  ? 6   DG A OP2   1 
ATOM   109 O  "O5'" . DG A 1 6  ? 3.48618   -10.58729 2.54983   1.000 87.82248  ? 6   DG A "O5'" 1 
ATOM   110 C  "C5'" . DG A 1 6  ? 4.75269   -10.92424 3.06532   1.000 88.59914  ? 6   DG A "C5'" 1 
ATOM   111 C  "C4'" . DG A 1 6  ? 5.83696   -10.62094 2.05010   1.000 89.95130  ? 6   DG A "C4'" 1 
ATOM   112 O  "O4'" . DG A 1 6  ? 5.58681   -11.37625 0.83992   1.000 91.23488  ? 6   DG A "O4'" 1 
ATOM   113 C  "C3'" . DG A 1 6  ? 5.89092   -9.19029  1.57189   1.000 93.90300  ? 6   DG A "C3'" 1 
ATOM   114 O  "O3'" . DG A 1 6  ? 6.59932   -8.39038  2.49527   1.000 98.05640  ? 6   DG A "O3'" 1 
ATOM   115 C  "C2'" . DG A 1 6  ? 6.64311   -9.33829  0.25776   1.000 93.11614  ? 6   DG A "C2'" 1 
ATOM   116 C  "C1'" . DG A 1 6  ? 6.05023   -10.63691 -0.28329  1.000 94.88891  ? 6   DG A "C1'" 1 
ATOM   117 N  N9    . DG A 1 6  ? 4.92329   -10.39290 -1.17888  1.000 98.10228  ? 6   DG A N9    1 
ATOM   118 C  C8    . DG A 1 6  ? 3.59482   -10.62351 -0.92345  1.000 95.12635  ? 6   DG A C8    1 
ATOM   119 N  N7    . DG A 1 6  ? 2.80902   -10.27955 -1.90744  1.000 98.84678  ? 6   DG A N7    1 
ATOM   120 C  C5    . DG A 1 6  ? 3.66942   -9.76698  -2.87004  1.000 103.21042 ? 6   DG A C5    1 
ATOM   121 C  C6    . DG A 1 6  ? 3.39323   -9.23819  -4.15887  1.000 106.90016 ? 6   DG A C6    1 
ATOM   122 O  O6    . DG A 1 6  ? 2.29106   -9.10383  -4.72197  1.000 107.20113 ? 6   DG A O6    1 
ATOM   123 N  N1    . DG A 1 6  ? 4.55972   -8.83789  -4.80598  1.000 106.96642 ? 6   DG A N1    1 
ATOM   124 C  C2    . DG A 1 6  ? 5.82735   -8.93646  -4.27758  1.000 105.47911 ? 6   DG A C2    1 
ATOM   125 N  N2    . DG A 1 6  ? 6.82900   -8.49521  -5.04837  1.000 110.16014 ? 6   DG A N2    1 
ATOM   126 N  N3    . DG A 1 6  ? 6.09635   -9.42828  -3.07823  1.000 102.20046 ? 6   DG A N3    1 
ATOM   127 C  C4    . DG A 1 6  ? 4.97487   -9.82504  -2.43336  1.000 102.15551 ? 6   DG A C4    1 
ATOM   128 P  P     . DG A 1 7  ? 6.51423   -6.78682  2.40369   1.000 100.18126 ? 7   DG A P     1 
ATOM   129 O  OP1   . DG A 1 7  ? 7.06874   -6.21276  3.64942   1.000 103.56671 ? 7   DG A OP1   1 
ATOM   130 O  OP2   . DG A 1 7  ? 5.13561   -6.45109  2.00025   1.000 92.04117  ? 7   DG A OP2   1 
ATOM   131 O  "O5'" . DG A 1 7  ? 7.47947   -6.42153  1.18308   1.000 96.48725  ? 7   DG A "O5'" 1 
ATOM   132 C  "C5'" . DG A 1 7  ? 7.38912   -5.15937  0.55866   1.000 97.07000  ? 7   DG A "C5'" 1 
ATOM   133 C  "C4'" . DG A 1 7  ? 8.00827   -5.20793  -0.82221  1.000 101.95922 ? 7   DG A "C4'" 1 
ATOM   134 O  "O4'" . DG A 1 7  ? 7.43364   -6.30028  -1.57681  1.000 102.41337 ? 7   DG A "O4'" 1 
ATOM   135 C  "C3'" . DG A 1 7  ? 7.76400   -3.97609  -1.66784  1.000 107.91183 ? 7   DG A "C3'" 1 
ATOM   136 O  "O3'" . DG A 1 7  ? 8.75382   -2.99232  -1.36772  1.000 110.41105 ? 7   DG A "O3'" 1 
ATOM   137 C  "C2'" . DG A 1 7  ? 7.91334   -4.52749  -3.08078  1.000 104.94006 ? 7   DG A "C2'" 1 
ATOM   138 C  "C1'" . DG A 1 7  ? 7.30475   -5.92625  -2.93727  1.000 106.16115 ? 7   DG A "C1'" 1 
ATOM   139 N  N9    . DG A 1 7  ? 5.88909   -6.00009  -3.29198  1.000 109.82001 ? 7   DG A N9    1 
ATOM   140 C  C8    . DG A 1 7  ? 4.85288   -6.38266  -2.47115  1.000 108.08616 ? 7   DG A C8    1 
ATOM   141 N  N7    . DG A 1 7  ? 3.68545   -6.35357  -3.05504  1.000 113.05720 ? 7   DG A N7    1 
ATOM   142 C  C5    . DG A 1 7  ? 3.96049   -5.91703  -4.34627  1.000 116.98341 ? 7   DG A C5    1 
ATOM   143 C  C6    . DG A 1 7  ? 3.08640   -5.69251  -5.44063  1.000 118.14448 ? 7   DG A C6    1 
ATOM   144 O  O6    . DG A 1 7  ? 1.85522   -5.83681  -5.48577  1.000 115.29275 ? 7   DG A O6    1 
ATOM   145 N  N1    . DG A 1 7  ? 3.77878   -5.25377  -6.56793  1.000 121.11205 ? 7   DG A N1    1 
ATOM   146 C  C2    . DG A 1 7  ? 5.14191   -5.05864  -6.63074  1.000 117.94971 ? 7   DG A C2    1 
ATOM   147 N  N2    . DG A 1 7  ? 5.62758   -4.63351  -7.80588  1.000 120.53954 ? 7   DG A N2    1 
ATOM   148 N  N3    . DG A 1 7  ? 5.97147   -5.26801  -5.61575  1.000 114.06958 ? 7   DG A N3    1 
ATOM   149 C  C4    . DG A 1 7  ? 5.31521   -5.69483  -4.50902  1.000 114.65712 ? 7   DG A C4    1 
ATOM   150 P  P     . DC A 1 8  ? 8.38020   -1.67039  -0.52839  1.000 112.30505 ? 8   DC A P     1 
ATOM   151 O  OP1   . DC A 1 8  ? 9.51888   -1.38793  0.37829   1.000 111.79583 ? 8   DC A OP1   1 
ATOM   152 O  OP2   . DC A 1 8  ? 7.02680   -1.84502  0.04826   1.000 101.36536 ? 8   DC A OP2   1 
ATOM   153 O  "O5'" . DC A 1 8  ? 8.32493   -0.52773  -1.65021  1.000 114.55066 ? 8   DC A "O5'" 1 
ATOM   154 C  "C5'" . DC A 1 8  ? 9.49294   -0.23727  -2.42333  1.000 115.63331 ? 8   DC A "C5'" 1 
ATOM   155 C  "C4'" . DC A 1 8  ? 9.18105   -0.17058  -3.91415  1.000 117.84542 ? 8   DC A "C4'" 1 
ATOM   156 O  "O4'" . DC A 1 8  ? 8.37901   -1.30272  -4.30628  1.000 118.40700 ? 8   DC A "O4'" 1 
ATOM   157 C  "C3'" . DC A 1 8  ? 8.36812   1.02848   -4.35449  1.000 121.19515 ? 8   DC A "C3'" 1 
ATOM   158 O  "O3'" . DC A 1 8  ? 9.21944   2.14238   -4.53498  1.000 123.49540 ? 8   DC A "O3'" 1 
ATOM   159 C  "C2'" . DC A 1 8  ? 7.78686   0.55092   -5.68381  1.000 118.75293 ? 8   DC A "C2'" 1 
ATOM   160 C  "C1'" . DC A 1 8  ? 7.63970   -0.96359  -5.46679  1.000 118.00601 ? 8   DC A "C1'" 1 
ATOM   161 N  N1    . DC A 1 8  ? 6.22374   -1.41283  -5.29147  1.000 117.42901 ? 8   DC A N1    1 
ATOM   162 C  C2    . DC A 1 8  ? 5.36647   -1.41560  -6.39123  1.000 124.34733 ? 8   DC A C2    1 
ATOM   163 O  O2    . DC A 1 8  ? 5.79775   -1.04133  -7.48949  1.000 128.25645 ? 8   DC A O2    1 
ATOM   164 N  N3    . DC A 1 8  ? 4.08094   -1.82393  -6.22726  1.000 122.79892 ? 8   DC A N3    1 
ATOM   165 C  C4    . DC A 1 8  ? 3.65495   -2.21932  -5.03227  1.000 116.94596 ? 8   DC A C4    1 
ATOM   166 N  N4    . DC A 1 8  ? 2.38337   -2.61522  -4.92319  1.000 115.78325 ? 8   DC A N4    1 
ATOM   167 C  C5    . DC A 1 8  ? 4.51566   -2.22814  -3.89610  1.000 113.91081 ? 8   DC A C5    1 
ATOM   168 C  C6    . DC A 1 8  ? 5.78036   -1.82143  -4.06945  1.000 114.45690 ? 8   DC A C6    1 
ATOM   169 P  P     . DT A 1 9  ? 8.66885   3.62621   -4.27154  1.000 127.21849 ? 9   DT A P     1 
ATOM   170 O  OP1   . DT A 1 9  ? 9.84927   4.52002   -4.26701  1.000 131.83663 ? 9   DT A OP1   1 
ATOM   171 O  OP2   . DT A 1 9  ? 7.78950   3.58685   -3.08151  1.000 115.87798 ? 9   DT A OP2   1 
ATOM   172 O  "O5'" . DT A 1 9  ? 7.76851   3.93384   -5.56561  1.000 133.50487 ? 9   DT A "O5'" 1 
ATOM   173 C  "C5'" . DT A 1 9  ? 8.39583   4.21869   -6.82414  1.000 135.55247 ? 9   DT A "C5'" 1 
ATOM   174 C  "C4'" . DT A 1 9  ? 7.37540   4.28668   -7.95394  1.000 137.35086 ? 9   DT A "C4'" 1 
ATOM   175 O  "O4'" . DT A 1 9  ? 6.59929   3.07317   -7.97692  1.000 136.67508 ? 9   DT A "O4'" 1 
ATOM   176 C  "C3'" . DT A 1 9  ? 6.34110   5.39443   -7.83639  1.000 140.41273 ? 9   DT A "C3'" 1 
ATOM   177 O  "O3'" . DT A 1 9  ? 6.84600   6.59568   -8.39307  1.000 140.21506 ? 9   DT A "O3'" 1 
ATOM   178 C  "C2'" . DT A 1 9  ? 5.17728   4.85704   -8.66914  1.000 140.13349 ? 9   DT A "C2'" 1 
ATOM   179 C  "C1'" . DT A 1 9  ? 5.32135   3.34044   -8.53442  1.000 138.26004 ? 9   DT A "C1'" 1 
ATOM   180 N  N1    . DT A 1 9  ? 4.29265   2.72739   -7.66785  1.000 133.28378 ? 9   DT A N1    1 
ATOM   181 C  C2    . DT A 1 9  ? 3.03026   2.50918   -8.17028  1.000 134.07117 ? 9   DT A C2    1 
ATOM   182 O  O2    . DT A 1 9  ? 2.69831   2.80486   -9.30978  1.000 133.15030 ? 9   DT A O2    1 
ATOM   183 N  N3    . DT A 1 9  ? 2.16158   1.92944   -7.28405  1.000 135.67333 ? 9   DT A N3    1 
ATOM   184 C  C4    . DT A 1 9  ? 2.42739   1.55419   -5.97635  1.000 131.09044 ? 9   DT A C4    1 
ATOM   185 O  O4    . DT A 1 9  ? 1.58199   1.03689   -5.25432  1.000 130.10073 ? 9   DT A O4    1 
ATOM   186 C  C5    . DT A 1 9  ? 3.76883   1.81237   -5.52100  1.000 127.57546 ? 9   DT A C5    1 
ATOM   187 C  C7    . DT A 1 9  ? 4.17141   1.44878   -4.12624  1.000 126.17002 ? 9   DT A C7    1 
ATOM   188 C  C6    . DT A 1 9  ? 4.62587   2.37847   -6.37700  1.000 129.16861 ? 9   DT A C6    1 
ATOM   189 P  P     . DC A 1 10 ? 6.18586   8.00426   -7.99240  1.000 147.11437 ? 10  DC A P     1 
ATOM   190 O  OP1   . DC A 1 10 ? 6.85966   9.04692   -8.79559  1.000 150.15103 ? 10  DC A OP1   1 
ATOM   191 O  OP2   . DC A 1 10 ? 6.20414   8.08956   -6.51677  1.000 151.65317 ? 10  DC A OP2   1 
ATOM   192 O  "O5'" . DC A 1 10 ? 4.65398   7.88511   -8.45943  1.000 141.75534 ? 10  DC A "O5'" 1 
ATOM   193 C  "C5'" . DC A 1 10 ? 4.28979   8.25341   -9.78095  1.000 143.21559 ? 10  DC A "C5'" 1 
ATOM   194 C  "C4'" . DC A 1 10 ? 2.78469   8.17243   -9.99305  1.000 147.89913 ? 10  DC A "C4'" 1 
ATOM   195 O  "O4'" . DC A 1 10 ? 2.32495   6.80570   -9.82205  1.000 145.95895 ? 10  DC A "O4'" 1 
ATOM   196 C  "C3'" . DC A 1 10 ? 1.92960   8.95738   -9.01532  1.000 150.88918 ? 10  DC A "C3'" 1 
ATOM   197 O  "O3'" . DC A 1 10 ? 1.91671   10.34225  -9.33641  1.000 156.20557 ? 10  DC A "O3'" 1 
ATOM   198 C  "C2'" . DC A 1 10 ? 0.57762   8.30091   -9.25533  1.000 148.04250 ? 10  DC A "C2'" 1 
ATOM   199 C  "C1'" . DC A 1 10 ? 0.99070   6.82819   -9.32004  1.000 146.17243 ? 10  DC A "C1'" 1 
ATOM   200 N  N1    . DC A 1 10 ? 0.97096   6.18110   -7.98700  1.000 142.31165 ? 10  DC A N1    1 
ATOM   201 C  C2    . DC A 1 10 ? -0.23326  5.68393   -7.48511  1.000 138.00907 ? 10  DC A C2    1 
ATOM   202 O  O2    . DC A 1 10 ? -1.26151  5.77253   -8.17755  1.000 132.40498 ? 10  DC A O2    1 
ATOM   203 N  N3    . DC A 1 10 ? -0.23700  5.11128   -6.25441  1.000 137.31340 ? 10  DC A N3    1 
ATOM   204 C  C4    . DC A 1 10 ? 0.89572   5.03793   -5.54373  1.000 133.40778 ? 10  DC A C4    1 
ATOM   205 N  N4    . DC A 1 10 ? 0.84455   4.46338   -4.33924  1.000 129.51252 ? 10  DC A N4    1 
ATOM   206 C  C5    . DC A 1 10 ? 2.12770   5.54781   -6.03850  1.000 135.10045 ? 10  DC A C5    1 
ATOM   207 C  C6    . DC A 1 10 ? 2.11987   6.10650   -7.24888  1.000 139.72586 ? 10  DC A C6    1 
ATOM   208 P  P     . DG A 1 11 ? 2.32672   11.42419  -8.21665  1.000 157.79320 ? 11  DG A P     1 
ATOM   209 O  OP1   . DG A 1 11 ? 2.45021   12.73346  -8.88989  1.000 159.12963 ? 11  DG A OP1   1 
ATOM   210 O  OP2   . DG A 1 11 ? 3.48184   10.87790  -7.46889  1.000 154.12902 ? 11  DG A OP2   1 
ATOM   211 O  "O5'" . DG A 1 11 ? 1.07148   11.45838  -7.21659  1.000 155.51122 ? 11  DG A "O5'" 1 
ATOM   212 C  "C5'" . DG A 1 11 ? 0.06004   12.46268  -7.35399  1.000 153.29567 ? 11  DG A "C5'" 1 
ATOM   213 C  "C4'" . DG A 1 11 ? -1.32380  11.83986  -7.31346  1.000 148.60970 ? 11  DG A "C4'" 1 
ATOM   214 O  "O4'" . DG A 1 11 ? -1.19537  10.39698  -7.45376  1.000 147.85614 ? 11  DG A "O4'" 1 
ATOM   215 C  "C3'" . DG A 1 11 ? -2.08779  12.03477  -6.00963  1.000 146.32351 ? 11  DG A "C3'" 1 
ATOM   216 O  "O3'" . DG A 1 11 ? -2.84376  13.24483  -6.03179  1.000 152.80697 ? 11  DG A "O3'" 1 
ATOM   217 C  "C2'" . DG A 1 11 ? -2.98473  10.80646  -6.01079  1.000 141.77307 ? 11  DG A "C2'" 1 
ATOM   218 C  "C1'" . DG A 1 11 ? -2.00012  9.75441   -6.48423  1.000 142.61077 ? 11  DG A "C1'" 1 
ATOM   219 N  N9    . DG A 1 11 ? -1.14047  9.24256   -5.41075  1.000 142.22334 ? 11  DG A N9    1 
ATOM   220 C  C8    . DG A 1 11 ? 0.05478   9.76512   -4.96408  1.000 142.45574 ? 11  DG A C8    1 
ATOM   221 N  N7    . DG A 1 11 ? 0.58688   9.08767   -3.98388  1.000 137.32005 ? 11  DG A N7    1 
ATOM   222 C  C5    . DG A 1 11 ? -0.30846  8.05167   -3.76630  1.000 136.14442 ? 11  DG A C5    1 
ATOM   223 C  C6    . DG A 1 11 ? -0.26632  6.99305   -2.83079  1.000 131.57730 ? 11  DG A C6    1 
ATOM   224 O  O6    . DG A 1 11 ? 0.59893   6.75736   -1.97599  1.000 129.25276 ? 11  DG A O6    1 
ATOM   225 N  N1    . DG A 1 11 ? -1.38005  6.16494   -2.94452  1.000 130.29523 ? 11  DG A N1    1 
ATOM   226 C  C2    . DG A 1 11 ? -2.39937  6.33975   -3.85491  1.000 132.45644 ? 11  DG A C2    1 
ATOM   227 N  N2    . DG A 1 11 ? -3.38684  5.44075   -3.82485  1.000 132.04524 ? 11  DG A N2    1 
ATOM   228 N  N3    . DG A 1 11 ? -2.44802  7.32420   -4.73474  1.000 135.31059 ? 11  DG A N3    1 
ATOM   229 C  C4    . DG A 1 11 ? -1.37705  8.13837   -4.63410  1.000 138.67858 ? 11  DG A C4    1 
ATOM   230 P  P     . DC A 1 12 ? -2.42783  14.48745  -5.08993  1.000 166.64912 ? 12  DC A P     1 
ATOM   231 O  OP1   . DC A 1 12 ? -3.54799  15.45319  -5.11520  1.000 162.32432 ? 12  DC A OP1   1 
ATOM   232 O  OP2   . DC A 1 12 ? -1.07224  14.91905  -5.50049  1.000 161.20339 ? 12  DC A OP2   1 
ATOM   233 O  "O5'" . DC A 1 12 ? -2.31079  13.87371  -3.60696  1.000 152.35998 ? 12  DC A "O5'" 1 
ATOM   234 C  "C5'" . DC A 1 12 ? -3.29751  14.18141  -2.60828  1.000 141.66368 ? 12  DC A "C5'" 1 
ATOM   235 C  "C4'" . DC A 1 12 ? -4.54755  13.35147  -2.82987  1.000 139.10530 ? 12  DC A "C4'" 1 
ATOM   236 O  "O4'" . DC A 1 12 ? -4.20013  12.16172  -3.58657  1.000 141.49507 ? 12  DC A "O4'" 1 
ATOM   237 C  "C3'" . DC A 1 12 ? -5.21993  12.83224  -1.56675  1.000 135.79276 ? 12  DC A "C3'" 1 
ATOM   238 O  "O3'" . DC A 1 12 ? -6.21633  13.74086  -1.13681  1.000 138.80846 ? 12  DC A "O3'" 1 
ATOM   239 C  "C2'" . DC A 1 12 ? -5.80755  11.50469  -2.02222  1.000 131.64489 ? 12  DC A "C2'" 1 
ATOM   240 C  "C1'" . DC A 1 12 ? -4.70503  11.00630  -2.94577  1.000 135.88057 ? 12  DC A "C1'" 1 
ATOM   241 N  N1    . DC A 1 12 ? -3.55733  10.33825  -2.22168  1.000 135.63053 ? 12  DC A N1    1 
ATOM   242 C  C2    . DC A 1 12 ? -3.77313  9.16069   -1.49711  1.000 131.04877 ? 12  DC A C2    1 
ATOM   243 O  O2    . DC A 1 12 ? -4.90770  8.66250   -1.47165  1.000 129.36940 ? 12  DC A O2    1 
ATOM   244 N  N3    . DC A 1 12 ? -2.72003  8.58466   -0.85601  1.000 128.48776 ? 12  DC A N3    1 
ATOM   245 C  C4    . DC A 1 12 ? -1.51029  9.14837   -0.90806  1.000 126.00811 ? 12  DC A C4    1 
ATOM   246 N  N4    . DC A 1 12 ? -0.50867  8.54787   -0.25865  1.000 121.92744 ? 12  DC A N4    1 
ATOM   247 C  C5    . DC A 1 12 ? -1.27443  10.34764  -1.63121  1.000 130.95820 ? 12  DC A C5    1 
ATOM   248 C  C6    . DC A 1 12 ? -2.31073  10.90042  -2.26566  1.000 136.90828 ? 12  DC A C6    1 
ATOM   249 P  P     . DC A 1 13 ? -6.15081  14.40794  0.32403   1.000 136.02624 ? 13  DC A P     1 
ATOM   250 O  OP1   . DC A 1 13 ? -7.13841  15.51021  0.39294   1.000 132.23121 ? 13  DC A OP1   1 
ATOM   251 O  OP2   . DC A 1 13 ? -4.72372  14.69922  0.60673   1.000 130.23091 ? 13  DC A OP2   1 
ATOM   252 O  "O5'" . DC A 1 13 ? -6.60748  13.17758  1.24885   1.000 126.95090 ? 13  DC A "O5'" 1 
ATOM   253 C  "C5'" . DC A 1 13 ? -7.87375  12.53996  0.98028   1.000 126.37713 ? 13  DC A "C5'" 1 
ATOM   254 C  "C4'" . DC A 1 13 ? -8.02248  11.24086  1.75789   1.000 124.99075 ? 13  DC A "C4'" 1 
ATOM   255 O  "O4'" . DC A 1 13 ? -7.13088  10.24506  1.19968   1.000 123.71463 ? 13  DC A "O4'" 1 
ATOM   256 C  "C3'" . DC A 1 13 ? -7.64768  11.29966  3.22659   1.000 120.17013 ? 13  DC A "C3'" 1 
ATOM   257 O  "O3'" . DC A 1 13 ? -8.75985  11.81179  3.97110   1.000 120.15646 ? 13  DC A "O3'" 1 
ATOM   258 C  "C2'" . DC A 1 13 ? -7.38015  9.83507   3.52342   1.000 118.34001 ? 13  DC A "C2'" 1 
ATOM   259 C  "C1'" . DC A 1 13 ? -6.68948  9.38110   2.23196   1.000 120.84471 ? 13  DC A "C1'" 1 
ATOM   260 N  N1    . DC A 1 13 ? -5.18884  9.45792   2.28720   1.000 124.83306 ? 13  DC A N1    1 
ATOM   261 C  C2    . DC A 1 13 ? -4.46673  8.49349   3.00127   1.000 122.48158 ? 13  DC A C2    1 
ATOM   262 O  O2    . DC A 1 13 ? -5.08219  7.60250   3.60229   1.000 120.60451 ? 13  DC A O2    1 
ATOM   263 N  N3    . DC A 1 13 ? -3.10720  8.57604   3.03222   1.000 120.52815 ? 13  DC A N3    1 
ATOM   264 C  C4    . DC A 1 13 ? -2.47917  9.55343   2.37492   1.000 120.50535 ? 13  DC A C4    1 
ATOM   265 N  N4    . DC A 1 13 ? -1.14405  9.58777   2.43348   1.000 118.43811 ? 13  DC A N4    1 
ATOM   266 C  C5    . DC A 1 13 ? -3.19515  10.53830  1.63029   1.000 125.13615 ? 13  DC A C5    1 
ATOM   267 C  C6    . DC A 1 13 ? -4.53381  10.45002  1.60871   1.000 127.70352 ? 13  DC A C6    1 
ATOM   268 P  P     . DC A 1 14 ? -8.56023  12.53584  5.39375   1.000 122.65128 ? 14  DC A P     1 
ATOM   269 O  OP1   . DC A 1 14 ? -9.82550  13.21252  5.74559   1.000 115.73034 ? 14  DC A OP1   1 
ATOM   270 O  OP2   . DC A 1 14 ? -7.29999  13.30970  5.33856   1.000 124.92679 ? 14  DC A OP2   1 
ATOM   271 O  "O5'" . DC A 1 14 ? -8.32709  11.34405  6.42819   1.000 114.64947 ? 14  DC A "O5'" 1 
ATOM   272 C  "C5'" . DC A 1 14 ? -9.32306  10.34919  6.64214   1.000 108.81552 ? 14  DC A "C5'" 1 
ATOM   273 C  "C4'" . DC A 1 14 ? -8.77892  9.31738   7.59812   1.000 104.33516 ? 14  DC A "C4'" 1 
ATOM   274 O  "O4'" . DC A 1 14 ? -7.73538  8.55852   6.93820   1.000 109.79211 ? 14  DC A "O4'" 1 
ATOM   275 C  "C3'" . DC A 1 14 ? -8.09239  9.89966   8.81339   1.000 104.00013 ? 14  DC A "C3'" 1 
ATOM   276 O  "O3'" . DC A 1 14 ? -9.03355  10.22277  9.80592   1.000 98.17798  ? 14  DC A "O3'" 1 
ATOM   277 C  "C2'" . DC A 1 14 ? -7.20671  8.74365   9.23627   1.000 103.15027 ? 14  DC A "C2'" 1 
ATOM   278 C  "C1'" . DC A 1 14 ? -6.72150  8.24144   7.88392   1.000 105.83741 ? 14  DC A "C1'" 1 
ATOM   279 N  N1    . DC A 1 14 ? -5.43326  8.85979   7.43674   1.000 103.95868 ? 14  DC A N1    1 
ATOM   280 C  C2    . DC A 1 14 ? -4.23418  8.46222   8.03083   1.000 102.35319 ? 14  DC A C2    1 
ATOM   281 O  O2    . DC A 1 14 ? -4.26366  7.64022   8.95037   1.000 104.38223 ? 14  DC A O2    1 
ATOM   282 N  N3    . DC A 1 14 ? -3.07517  9.02040   7.60984   1.000 100.32244 ? 14  DC A N3    1 
ATOM   283 C  C4    . DC A 1 14 ? -3.08653  9.90996   6.62223   1.000 102.04826 ? 14  DC A C4    1 
ATOM   284 N  N4    . DC A 1 14 ? -1.91876  10.42591  6.23524   1.000 103.03856 ? 14  DC A N4    1 
ATOM   285 C  C5    . DC A 1 14 ? -4.29539  10.31162  5.98691   1.000 106.12457 ? 14  DC A C5    1 
ATOM   286 C  C6    . DC A 1 14 ? -5.43257  9.76224   6.41773   1.000 107.30558 ? 14  DC A C6    1 
ATOM   287 P  P     . DC A 1 15 ? -8.76060  11.47897  10.76788  1.000 104.94952 ? 15  DC A P     1 
ATOM   288 O  OP1   . DC A 1 15 ? -10.00791 11.73702  11.51602  1.000 115.57929 ? 15  DC A OP1   1 
ATOM   289 O  OP2   . DC A 1 15 ? -8.12911  12.54623  9.95532   1.000 106.49620 ? 15  DC A OP2   1 
ATOM   290 O  "O5'" . DC A 1 15 ? -7.65143  10.96355  11.78678  1.000 94.23123  ? 15  DC A "O5'" 1 
ATOM   291 C  "C5'" . DC A 1 15 ? -7.83105  9.75076   12.45746  1.000 93.37962  ? 15  DC A "C5'" 1 
ATOM   292 C  "C4'" . DC A 1 15 ? -6.50921  9.24951   12.98888  1.000 97.42698  ? 15  DC A "C4'" 1 
ATOM   293 O  "O4'" . DC A 1 15 ? -5.61057  8.98180   11.88966  1.000 96.47774  ? 15  DC A "O4'" 1 
ATOM   294 C  "C3'" . DC A 1 15 ? -5.76298  10.24954  13.83989  1.000 94.10408  ? 15  DC A "C3'" 1 
ATOM   295 O  "O3'" . DC A 1 15 ? -6.25382  10.18935  15.15746  1.000 97.44322  ? 15  DC A "O3'" 1 
ATOM   296 C  "C2'" . DC A 1 15 ? -4.33007  9.74354   13.74458  1.000 89.59113  ? 15  DC A "C2'" 1 
ATOM   297 C  "C1'" . DC A 1 15 ? -4.27421  9.23541   12.29979  1.000 94.96858  ? 15  DC A "C1'" 1 
ATOM   298 N  N1    . DC A 1 15 ? -3.65680  10.19137  11.34619  1.000 97.07702  ? 15  DC A N1    1 
ATOM   299 C  C2    . DC A 1 15 ? -2.28274  10.45914  11.42499  1.000 96.96088  ? 15  DC A C2    1 
ATOM   300 O  O2    . DC A 1 15 ? -1.60257  9.89732   12.29556  1.000 95.21422  ? 15  DC A O2    1 
ATOM   301 N  N3    . DC A 1 15 ? -1.73382  11.32669  10.54214  1.000 96.21582  ? 15  DC A N3    1 
ATOM   302 C  C4    . DC A 1 15 ? -2.49589  11.91047  9.62041   1.000 98.02208  ? 15  DC A C4    1 
ATOM   303 N  N4    . DC A 1 15 ? -1.90614  12.75972  8.77704   1.000 101.27739 ? 15  DC A N4    1 
ATOM   304 C  C5    . DC A 1 15 ? -3.89629  11.64885  9.52087   1.000 97.82883  ? 15  DC A C5    1 
ATOM   305 C  C6    . DC A 1 15 ? -4.42912  10.79032  10.39459  1.000 96.78225  ? 15  DC A C6    1 
ATOM   306 P  P     . DA A 1 16 ? -6.34278  11.53192  16.02418  1.000 98.95684  ? 16  DA A P     1 
ATOM   307 O  OP1   . DA A 1 16 ? -6.63102  11.20912  17.44204  1.000 96.18570  ? 16  DA A OP1   1 
ATOM   308 O  OP2   . DA A 1 16 ? -7.23568  12.43151  15.26574  1.000 104.19310 ? 16  DA A OP2   1 
ATOM   309 O  "O5'" . DA A 1 16 ? -4.87134  12.12176  15.92031  1.000 91.34051  ? 16  DA A "O5'" 1 
ATOM   310 C  "C5'" . DA A 1 16 ? -4.17852  12.48576  17.08172  1.000 86.30184  ? 16  DA A "C5'" 1 
ATOM   311 C  "C4'" . DA A 1 16 ? -2.74517  12.04228  16.97984  1.000 87.84867  ? 16  DA A "C4'" 1 
ATOM   312 O  "O4'" . DA A 1 16 ? -2.47098  11.61888  15.63116  1.000 88.24905  ? 16  DA A "O4'" 1 
ATOM   313 C  "C3'" . DA A 1 16 ? -1.74424  13.13588  17.25946  1.000 91.08535  ? 16  DA A "C3'" 1 
ATOM   314 O  "O3'" . DA A 1 16 ? -1.50787  13.22149  18.63294  1.000 96.43279  ? 16  DA A "O3'" 1 
ATOM   315 C  "C2'" . DA A 1 16 ? -0.50859  12.64749  16.51142  1.000 89.29145  ? 16  DA A "C2'" 1 
ATOM   316 C  "C1'" . DA A 1 16 ? -1.11333  11.88285  15.32680  1.000 93.10363  ? 16  DA A "C1'" 1 
ATOM   317 N  N9    . DA A 1 16 ? -1.06436  12.62463  14.07170  1.000 92.65351  ? 16  DA A N9    1 
ATOM   318 C  C8    . DA A 1 16 ? -2.12568  13.07314  13.33687  1.000 92.55313  ? 16  DA A C8    1 
ATOM   319 N  N7    . DA A 1 16 ? -1.78231  13.73019  12.25612  1.000 89.52301  ? 16  DA A N7    1 
ATOM   320 C  C5    . DA A 1 16 ? -0.40271  13.73385  12.29922  1.000 91.76453  ? 16  DA A C5    1 
ATOM   321 C  C6    . DA A 1 16 ? 0.56642   14.27705  11.43978  1.000 95.68851  ? 16  DA A C6    1 
ATOM   322 N  N6    . DA A 1 16 ? 0.26577   14.95265  10.32316  1.000 97.47137  ? 16  DA A N6    1 
ATOM   323 N  N1    . DA A 1 16 ? 1.86124   14.09969  11.77247  1.000 95.73436  ? 16  DA A N1    1 
ATOM   324 C  C2    . DA A 1 16 ? 2.15441   13.42420  12.89283  1.000 94.27007  ? 16  DA A C2    1 
ATOM   325 N  N3    . DA A 1 16 ? 1.33084   12.86808  13.77656  1.000 90.10539  ? 16  DA A N3    1 
ATOM   326 C  C4    . DA A 1 16 ? 0.05595   13.06194  13.41760  1.000 90.97878  ? 16  DA A C4    1 
ATOM   327 P  P     . DC A 1 17 ? -1.32044  14.65779  19.32011  1.000 96.96643  ? 17  DC A P     1 
ATOM   328 O  OP1   . DC A 1 17 ? -1.40775  14.51962  20.79280  1.000 93.67995  ? 17  DC A OP1   1 
ATOM   329 O  OP2   . DC A 1 17 ? -2.25374  15.54641  18.58621  1.000 80.07506  ? 17  DC A OP2   1 
ATOM   330 O  "O5'" . DC A 1 17 ? 0.18416   15.05331  18.94336  1.000 95.99154  ? 17  DC A "O5'" 1 
ATOM   331 C  "C5'" . DC A 1 17 ? 1.24765   14.22574  19.37527  1.000 94.65189  ? 17  DC A "C5'" 1 
ATOM   332 C  "C4'" . DC A 1 17 ? 2.53382   14.57034  18.65024  1.000 99.86670  ? 17  DC A "C4'" 1 
ATOM   333 O  "O4'" . DC A 1 17 ? 2.40153   14.26035  17.23818  1.000 102.20118 ? 17  DC A "O4'" 1 
ATOM   334 C  "C3'" . DC A 1 17 ? 2.92609   16.04250  18.67824  1.000 101.06126 ? 17  DC A "C3'" 1 
ATOM   335 O  "O3'" . DC A 1 17 ? 3.66965   16.31040  19.85588  1.000 108.06954 ? 17  DC A "O3'" 1 
ATOM   336 C  "C2'" . DC A 1 17 ? 3.80439   16.18067  17.45093  1.000 99.70592  ? 17  DC A "C2'" 1 
ATOM   337 C  "C1'" . DC A 1 17 ? 3.16750   15.19379  16.48272  1.000 99.50748  ? 17  DC A "C1'" 1 
ATOM   338 N  N1    . DC A 1 17 ? 2.33498   15.82054  15.42065  1.000 92.82891  ? 17  DC A N1    1 
ATOM   339 C  C2    . DC A 1 17 ? 2.96866   16.44178  14.33901  1.000 94.57333  ? 17  DC A C2    1 
ATOM   340 O  O2    . DC A 1 17 ? 4.20352   16.50714  14.32338  1.000 97.88699  ? 17  DC A O2    1 
ATOM   341 N  N3    . DC A 1 17 ? 2.21363   16.99859  13.36230  1.000 94.03195  ? 17  DC A N3    1 
ATOM   342 C  C4    . DC A 1 17 ? 0.88868   16.91519  13.41860  1.000 94.73176  ? 17  DC A C4    1 
ATOM   343 N  N4    . DC A 1 17 ? 0.18489   17.47264  12.42321  1.000 94.83890  ? 17  DC A N4    1 
ATOM   344 C  C5    . DC A 1 17 ? 0.22416   16.25773  14.50009  1.000 96.65703  ? 17  DC A C5    1 
ATOM   345 C  C6    . DC A 1 17 ? 0.98158   15.72124  15.46539  1.000 93.16526  ? 17  DC A C6    1 
ATOM   346 P  P     . DC A 1 18 ? 3.68821   17.77616  20.51265  1.000 118.56181 ? 18  DC A P     1 
ATOM   347 O  OP1   . DC A 1 18 ? 4.19070   17.62037  21.90131  1.000 121.41183 ? 18  DC A OP1   1 
ATOM   348 O  OP2   . DC A 1 18 ? 2.40376   18.45431  20.21690  1.000 106.11724 ? 18  DC A OP2   1 
ATOM   349 O  "O5'" . DC A 1 18 ? 4.83416   18.51575  19.68892  1.000 107.91077 ? 18  DC A "O5'" 1 
ATOM   350 C  "C5'" . DC A 1 18 ? 6.09748   17.90148  19.58289  1.000 109.81884 ? 18  DC A "C5'" 1 
ATOM   351 C  "C4'" . DC A 1 18 ? 6.93934   18.56755  18.51637  1.000 108.57327 ? 18  DC A "C4'" 1 
ATOM   352 O  "O4'" . DC A 1 18 ? 6.26712   18.48835  17.22317  1.000 100.73138 ? 18  DC A "O4'" 1 
ATOM   353 C  "C3'" . DC A 1 18 ? 7.20310   20.04846  18.75730  1.000 111.35852 ? 18  DC A "C3'" 1 
ATOM   354 O  "O3'" . DC A 1 18 ? 8.54094   20.34849  18.37779  1.000 118.73782 ? 18  DC A "O3'" 1 
ATOM   355 C  "C2'" . DC A 1 18 ? 6.19184   20.73524  17.83826  1.000 98.91287  ? 18  DC A "C2'" 1 
ATOM   356 C  "C1'" . DC A 1 18 ? 6.19157   19.77883  16.66035  1.000 93.66587  ? 18  DC A "C1'" 1 
ATOM   357 N  N1    . DC A 1 18 ? 4.99949   19.88117  15.79222  1.000 87.00760  ? 18  DC A N1    1 
ATOM   358 C  C2    . DC A 1 18 ? 5.15783   20.28268  14.46235  1.000 91.21644  ? 18  DC A C2    1 
ATOM   359 O  O2    . DC A 1 18 ? 6.29070   20.51858  14.03874  1.000 95.13625  ? 18  DC A O2    1 
ATOM   360 N  N3    . DC A 1 18 ? 4.07044   20.38316  13.66790  1.000 90.00432  ? 18  DC A N3    1 
ATOM   361 C  C4    . DC A 1 18 ? 2.86878   20.11653  14.15820  1.000 89.94471  ? 18  DC A C4    1 
ATOM   362 N  N4    . DC A 1 18 ? 1.82246   20.23393  13.33552  1.000 87.43754  ? 18  DC A N4    1 
ATOM   363 C  C5    . DC A 1 18 ? 2.68385   19.71480  15.51566  1.000 93.37141  ? 18  DC A C5    1 
ATOM   364 C  C6    . DC A 1 18 ? 3.76911   19.61627  16.29125  1.000 91.09350  ? 18  DC A C6    1 
HETATM 365 SR SR    . SR B 2 .  ? 2.32979   5.63588   2.72951   1.000 132.61918 ? 101 SR A SR    1 
# 
